data_7YQ1
#
_entry.id   7YQ1
#
_cell.length_a   52.230
_cell.length_b   238.240
_cell.length_c   132.470
_cell.angle_alpha   90.00
_cell.angle_beta   93.38
_cell.angle_gamma   90.00
#
_symmetry.space_group_name_H-M   'C 1 2 1'
#
loop_
_entity.id
_entity.type
_entity.pdbx_description
1 polymer 'Adenylyl-sulfate kinase'
2 non-polymer "ADENOSINE-5'-PHOSPHOSULFATE"
3 non-polymer 'PHOSPHOAMINOPHOSPHONIC ACID-ADENYLATE ESTER'
4 non-polymer 'MAGNESIUM ION'
5 non-polymer GLYCEROL
6 non-polymer 'BORIC ACID'
7 water water
#
_entity_poly.entity_id   1
_entity_poly.type   'polypeptide(L)'
_entity_poly.pdbx_seq_one_letter_code
;ATSMSFVIWITGPSGAGKTTLANALYKKLESMGYRVELLDGDGVRRKLYPNLGFSEEERWMHNRVVVEMARRLSRNGIIT
IVSVVSPYRAWREYARKEIEKFVEVYPRCPLEVRMKRDPKGLYSKALRGEIKGLTGLDGEYEEPENPEVVVDTDKMTVEE
EVEAVLKKLMELGYL
;
_entity_poly.pdbx_strand_id   A,B,C,D,E,F
#
# COMPACT_ATOMS: atom_id res chain seq x y z
N SER A 3 3.93 -14.32 -14.31
CA SER A 3 3.24 -15.61 -14.25
C SER A 3 2.42 -15.74 -12.98
N MET A 4 2.70 -14.87 -12.01
CA MET A 4 2.12 -14.94 -10.68
C MET A 4 0.95 -13.95 -10.60
N SER A 5 -0.25 -14.46 -10.32
CA SER A 5 -1.43 -13.64 -10.19
C SER A 5 -1.68 -13.31 -8.71
N PHE A 6 -2.86 -12.79 -8.39
CA PHE A 6 -3.16 -12.30 -7.05
C PHE A 6 -4.42 -12.92 -6.50
N VAL A 7 -4.58 -12.78 -5.18
CA VAL A 7 -5.76 -13.28 -4.46
C VAL A 7 -6.42 -12.09 -3.75
N ILE A 8 -7.72 -11.92 -3.98
CA ILE A 8 -8.52 -10.97 -3.24
C ILE A 8 -9.15 -11.73 -2.07
N TRP A 9 -8.69 -11.44 -0.86
CA TRP A 9 -9.15 -12.14 0.35
C TRP A 9 -10.13 -11.23 1.08
N ILE A 10 -11.42 -11.57 1.01
CA ILE A 10 -12.47 -10.77 1.60
C ILE A 10 -12.83 -11.40 2.94
N THR A 11 -12.49 -10.72 4.03
CA THR A 11 -12.72 -11.19 5.39
C THR A 11 -13.79 -10.33 6.05
N GLY A 12 -14.48 -10.91 7.02
CA GLY A 12 -15.50 -10.17 7.75
C GLY A 12 -16.48 -11.05 8.47
N PRO A 13 -17.23 -10.46 9.41
CA PRO A 13 -18.25 -11.23 10.14
C PRO A 13 -19.45 -11.51 9.25
N SER A 14 -20.36 -12.31 9.79
CA SER A 14 -21.52 -12.74 9.01
C SER A 14 -22.40 -11.55 8.67
N GLY A 15 -22.82 -11.47 7.40
CA GLY A 15 -23.66 -10.37 6.95
C GLY A 15 -22.91 -9.11 6.56
N ALA A 16 -21.58 -9.15 6.59
CA ALA A 16 -20.79 -7.96 6.23
C ALA A 16 -20.94 -7.61 4.76
N GLY A 17 -21.15 -8.61 3.90
CA GLY A 17 -21.32 -8.37 2.48
C GLY A 17 -20.24 -9.02 1.64
N LYS A 18 -19.58 -10.04 2.19
CA LYS A 18 -18.40 -10.62 1.54
C LYS A 18 -18.77 -11.28 0.21
N THR A 19 -19.78 -12.15 0.23
CA THR A 19 -20.14 -12.91 -0.97
C THR A 19 -20.69 -11.99 -2.05
N THR A 20 -21.51 -11.01 -1.66
CA THR A 20 -22.01 -10.03 -2.62
C THR A 20 -20.88 -9.31 -3.33
N LEU A 21 -19.87 -8.87 -2.58
CA LEU A 21 -18.75 -8.19 -3.21
C LEU A 21 -17.90 -9.16 -4.04
N ALA A 22 -17.68 -10.38 -3.54
CA ALA A 22 -16.95 -11.37 -4.31
C ALA A 22 -17.61 -11.63 -5.65
N ASN A 23 -18.94 -11.71 -5.68
CA ASN A 23 -19.64 -12.02 -6.91
C ASN A 23 -19.61 -10.84 -7.86
N ALA A 24 -19.72 -9.62 -7.33
CA ALA A 24 -19.65 -8.44 -8.18
C ALA A 24 -18.26 -8.29 -8.79
N LEU A 25 -17.22 -8.62 -8.02
CA LEU A 25 -15.85 -8.55 -8.54
C LEU A 25 -15.63 -9.59 -9.63
N TYR A 26 -16.07 -10.83 -9.38
CA TYR A 26 -16.03 -11.88 -10.40
C TYR A 26 -16.66 -11.41 -11.70
N LYS A 27 -17.87 -10.83 -11.60
CA LYS A 27 -18.57 -10.36 -12.78
C LYS A 27 -17.77 -9.28 -13.50
N LYS A 28 -17.23 -8.32 -12.75
CA LYS A 28 -16.49 -7.22 -13.36
C LYS A 28 -15.22 -7.70 -14.03
N LEU A 29 -14.44 -8.53 -13.34
CA LEU A 29 -13.15 -8.95 -13.89
C LEU A 29 -13.31 -9.87 -15.09
N GLU A 30 -14.33 -10.72 -15.10
CA GLU A 30 -14.49 -11.62 -16.24
C GLU A 30 -15.02 -10.87 -17.47
N SER A 31 -15.76 -9.78 -17.26
CA SER A 31 -16.16 -8.94 -18.38
C SER A 31 -14.94 -8.27 -19.01
N MET A 32 -13.95 -7.90 -18.18
CA MET A 32 -12.68 -7.41 -18.69
C MET A 32 -11.87 -8.49 -19.40
N GLY A 33 -12.40 -9.70 -19.53
CA GLY A 33 -11.66 -10.77 -20.18
C GLY A 33 -10.68 -11.46 -19.28
N TYR A 34 -10.90 -11.43 -17.98
CA TYR A 34 -10.02 -12.14 -17.07
C TYR A 34 -10.60 -13.48 -16.67
N ARG A 35 -9.66 -14.36 -16.29
CA ARG A 35 -10.01 -15.70 -15.81
C ARG A 35 -9.98 -15.63 -14.30
N VAL A 36 -11.01 -16.11 -13.66
CA VAL A 36 -11.21 -15.92 -12.23
C VAL A 36 -11.83 -17.17 -11.59
N GLU A 37 -11.34 -17.53 -10.41
CA GLU A 37 -11.89 -18.61 -9.58
C GLU A 37 -12.42 -18.02 -8.29
N LEU A 38 -13.61 -18.48 -7.87
CA LEU A 38 -14.28 -18.01 -6.67
CA LEU A 38 -14.27 -18.01 -6.66
C LEU A 38 -14.25 -19.09 -5.60
N LEU A 39 -13.81 -18.71 -4.39
CA LEU A 39 -13.77 -19.61 -3.24
C LEU A 39 -14.57 -18.98 -2.11
N ASP A 40 -15.84 -19.38 -1.97
CA ASP A 40 -16.71 -18.87 -0.94
C ASP A 40 -16.76 -19.87 0.21
N GLY A 41 -16.67 -19.35 1.44
CA GLY A 41 -16.61 -20.23 2.60
C GLY A 41 -17.77 -21.21 2.66
N ASP A 42 -18.98 -20.70 2.45
CA ASP A 42 -20.15 -21.57 2.51
C ASP A 42 -20.16 -22.56 1.34
N GLY A 43 -19.74 -22.11 0.16
CA GLY A 43 -19.73 -23.00 -0.99
C GLY A 43 -18.71 -24.11 -0.85
N VAL A 44 -17.50 -23.77 -0.38
CA VAL A 44 -16.46 -24.77 -0.22
C VAL A 44 -16.86 -25.79 0.85
N ARG A 45 -17.45 -25.30 1.95
CA ARG A 45 -17.86 -26.19 3.03
C ARG A 45 -18.89 -27.21 2.56
N ARG A 46 -19.94 -26.76 1.89
CA ARG A 46 -20.96 -27.73 1.47
CA ARG A 46 -20.98 -27.69 1.43
C ARG A 46 -20.47 -28.65 0.37
N LYS A 47 -19.43 -28.28 -0.37
CA LYS A 47 -18.87 -29.19 -1.36
C LYS A 47 -17.92 -30.21 -0.70
N LEU A 48 -17.05 -29.76 0.20
CA LEU A 48 -15.94 -30.57 0.67
C LEU A 48 -16.21 -31.26 2.00
N TYR A 49 -16.96 -30.64 2.89
CA TYR A 49 -17.21 -31.17 4.24
C TYR A 49 -18.40 -30.49 4.89
N PRO A 50 -19.62 -30.85 4.46
CA PRO A 50 -20.81 -30.14 4.95
C PRO A 50 -21.12 -30.39 6.41
N ASN A 51 -20.48 -31.38 7.04
CA ASN A 51 -20.65 -31.66 8.46
C ASN A 51 -19.57 -31.03 9.32
N LEU A 52 -18.57 -30.37 8.72
CA LEU A 52 -17.65 -29.56 9.49
C LEU A 52 -18.39 -28.51 10.29
N GLY A 53 -18.05 -28.41 11.58
CA GLY A 53 -18.64 -27.43 12.47
C GLY A 53 -17.86 -26.14 12.48
N PHE A 54 -18.02 -25.39 13.58
CA PHE A 54 -17.47 -24.04 13.66
C PHE A 54 -16.65 -23.80 14.91
N SER A 55 -16.08 -24.86 15.51
CA SER A 55 -15.05 -24.64 16.52
C SER A 55 -13.84 -23.99 15.87
N GLU A 56 -12.91 -23.51 16.70
CA GLU A 56 -11.73 -22.85 16.16
CA GLU A 56 -11.71 -22.85 16.19
C GLU A 56 -10.89 -23.80 15.33
N GLU A 57 -10.66 -25.02 15.81
CA GLU A 57 -9.83 -25.95 15.05
C GLU A 57 -10.49 -26.36 13.73
N GLU A 58 -11.82 -26.47 13.71
CA GLU A 58 -12.52 -26.84 12.48
C GLU A 58 -12.45 -25.72 11.45
N ARG A 59 -12.74 -24.48 11.86
CA ARG A 59 -12.60 -23.35 10.95
C ARG A 59 -11.17 -23.23 10.45
N TRP A 60 -10.20 -23.48 11.33
CA TRP A 60 -8.79 -23.33 10.98
C TRP A 60 -8.39 -24.33 9.89
N MET A 61 -8.82 -25.58 10.01
CA MET A 61 -8.65 -26.55 8.92
C MET A 61 -9.21 -26.03 7.60
N HIS A 62 -10.45 -25.56 7.63
CA HIS A 62 -11.12 -25.11 6.42
C HIS A 62 -10.39 -23.92 5.82
N ASN A 63 -9.92 -23.00 6.66
CA ASN A 63 -9.13 -21.87 6.17
C ASN A 63 -7.83 -22.34 5.51
N ARG A 64 -7.14 -23.32 6.11
CA ARG A 64 -5.91 -23.82 5.49
C ARG A 64 -6.18 -24.44 4.13
N VAL A 65 -7.32 -25.12 3.98
CA VAL A 65 -7.69 -25.67 2.69
C VAL A 65 -7.87 -24.55 1.67
N VAL A 66 -8.61 -23.51 2.03
CA VAL A 66 -8.87 -22.40 1.12
C VAL A 66 -7.57 -21.70 0.74
N VAL A 67 -6.69 -21.47 1.72
CA VAL A 67 -5.39 -20.85 1.43
C VAL A 67 -4.61 -21.67 0.41
N GLU A 68 -4.55 -22.99 0.60
CA GLU A 68 -3.76 -23.80 -0.32
C GLU A 68 -4.34 -23.77 -1.73
N MET A 69 -5.67 -23.81 -1.85
CA MET A 69 -6.29 -23.70 -3.17
CA MET A 69 -6.30 -23.70 -3.17
C MET A 69 -5.98 -22.36 -3.81
N ALA A 70 -6.12 -21.27 -3.04
CA ALA A 70 -5.83 -19.95 -3.57
C ALA A 70 -4.37 -19.82 -3.99
N ARG A 71 -3.46 -20.37 -3.20
CA ARG A 71 -2.04 -20.25 -3.51
C ARG A 71 -1.68 -21.03 -4.77
N ARG A 72 -2.24 -22.22 -4.94
CA ARG A 72 -1.94 -23.02 -6.12
C ARG A 72 -2.51 -22.38 -7.38
N LEU A 73 -3.71 -21.82 -7.30
CA LEU A 73 -4.32 -21.18 -8.46
C LEU A 73 -3.56 -19.92 -8.85
N SER A 74 -3.28 -19.06 -7.86
CA SER A 74 -2.67 -17.76 -8.15
C SER A 74 -1.23 -17.88 -8.62
N ARG A 75 -0.47 -18.87 -8.14
CA ARG A 75 0.89 -18.97 -8.66
C ARG A 75 0.92 -19.50 -10.08
N ASN A 76 -0.22 -19.92 -10.63
CA ASN A 76 -0.33 -20.32 -12.02
C ASN A 76 -1.07 -19.29 -12.87
N GLY A 77 -1.14 -18.04 -12.39
CA GLY A 77 -1.69 -16.96 -13.17
C GLY A 77 -3.18 -16.80 -13.11
N ILE A 78 -3.84 -17.32 -12.07
CA ILE A 78 -5.29 -17.39 -12.05
C ILE A 78 -5.76 -16.50 -10.91
N ILE A 79 -6.50 -15.43 -11.23
CA ILE A 79 -7.04 -14.57 -10.18
C ILE A 79 -8.02 -15.36 -9.33
N THR A 80 -7.83 -15.31 -8.00
CA THR A 80 -8.67 -16.04 -7.05
C THR A 80 -9.32 -15.06 -6.10
N ILE A 81 -10.63 -15.18 -5.91
CA ILE A 81 -11.39 -14.32 -5.01
C ILE A 81 -11.92 -15.19 -3.89
N VAL A 82 -11.44 -14.96 -2.67
CA VAL A 82 -11.83 -15.71 -1.49
C VAL A 82 -12.81 -14.87 -0.69
N SER A 83 -13.92 -15.48 -0.27
CA SER A 83 -14.96 -14.85 0.53
CA SER A 83 -14.93 -14.84 0.56
C SER A 83 -15.23 -15.75 1.73
N VAL A 84 -14.44 -15.62 2.80
CA VAL A 84 -14.57 -16.47 3.98
C VAL A 84 -14.43 -15.60 5.23
N VAL A 85 -15.14 -16.00 6.28
CA VAL A 85 -15.17 -15.22 7.52
C VAL A 85 -13.74 -14.92 7.99
N SER A 86 -12.91 -15.97 8.09
CA SER A 86 -11.51 -15.90 8.51
C SER A 86 -11.37 -14.99 9.72
N PRO A 87 -11.88 -15.39 10.88
CA PRO A 87 -12.09 -14.45 11.98
C PRO A 87 -10.83 -14.04 12.77
N TYR A 88 -9.68 -14.67 12.57
CA TYR A 88 -8.51 -14.42 13.41
C TYR A 88 -7.34 -13.86 12.60
N ARG A 89 -6.66 -12.85 13.17
CA ARG A 89 -5.50 -12.24 12.52
CA ARG A 89 -5.52 -12.25 12.49
C ARG A 89 -4.46 -13.28 12.16
N ALA A 90 -4.25 -14.26 13.04
CA ALA A 90 -3.19 -15.24 12.84
C ALA A 90 -3.40 -16.02 11.55
N TRP A 91 -4.66 -16.31 11.22
CA TRP A 91 -4.95 -17.10 10.03
C TRP A 91 -4.80 -16.26 8.78
N ARG A 92 -5.20 -14.98 8.84
CA ARG A 92 -5.02 -14.10 7.69
C ARG A 92 -3.56 -13.77 7.49
N GLU A 93 -2.78 -13.74 8.57
CA GLU A 93 -1.33 -13.55 8.41
C GLU A 93 -0.70 -14.77 7.77
N TYR A 94 -1.13 -15.97 8.17
CA TYR A 94 -0.73 -17.19 7.49
C TYR A 94 -1.06 -17.12 6.00
N ALA A 95 -2.29 -16.73 5.66
CA ALA A 95 -2.67 -16.61 4.27
C ALA A 95 -1.78 -15.61 3.53
N ARG A 96 -1.46 -14.49 4.18
CA ARG A 96 -0.63 -13.48 3.55
C ARG A 96 0.79 -14.01 3.30
N LYS A 97 1.31 -14.82 4.21
CA LYS A 97 2.62 -15.43 3.98
C LYS A 97 2.58 -16.46 2.88
N GLU A 98 1.47 -17.18 2.74
CA GLU A 98 1.41 -18.25 1.76
C GLU A 98 1.15 -17.75 0.34
N ILE A 99 0.65 -16.52 0.21
CA ILE A 99 0.21 -15.98 -1.06
C ILE A 99 0.98 -14.68 -1.32
N GLU A 100 1.79 -14.67 -2.38
CA GLU A 100 2.63 -13.51 -2.66
C GLU A 100 1.80 -12.25 -2.82
N LYS A 101 0.91 -12.22 -3.81
CA LYS A 101 0.12 -11.04 -4.14
C LYS A 101 -1.23 -11.16 -3.45
N PHE A 102 -1.23 -10.77 -2.17
CA PHE A 102 -2.36 -10.92 -1.28
C PHE A 102 -3.03 -9.55 -1.10
N VAL A 103 -4.32 -9.47 -1.43
CA VAL A 103 -5.07 -8.21 -1.35
C VAL A 103 -6.21 -8.43 -0.37
N GLU A 104 -6.02 -7.99 0.86
CA GLU A 104 -7.02 -8.16 1.91
C GLU A 104 -8.09 -7.09 1.80
N VAL A 105 -9.35 -7.52 1.82
CA VAL A 105 -10.49 -6.62 1.66
C VAL A 105 -11.42 -6.83 2.85
N TYR A 106 -11.77 -5.73 3.53
CA TYR A 106 -12.58 -5.81 4.75
C TYR A 106 -13.88 -5.04 4.57
N PRO A 107 -15.01 -5.72 4.37
CA PRO A 107 -16.31 -5.05 4.45
C PRO A 107 -16.71 -4.76 5.88
N ARG A 108 -16.57 -3.51 6.30
CA ARG A 108 -16.89 -3.09 7.66
C ARG A 108 -18.33 -2.62 7.73
N CYS A 109 -19.07 -3.13 8.71
CA CYS A 109 -20.50 -2.88 8.80
C CYS A 109 -20.95 -3.05 10.24
N PRO A 110 -21.71 -2.11 10.80
CA PRO A 110 -22.09 -2.22 12.22
C PRO A 110 -23.06 -3.36 12.46
N LEU A 111 -22.97 -3.92 13.68
CA LEU A 111 -23.85 -5.03 14.07
C LEU A 111 -25.31 -4.73 13.80
N GLU A 112 -25.73 -3.49 14.06
CA GLU A 112 -27.14 -3.14 13.92
C GLU A 112 -27.60 -3.25 12.46
N VAL A 113 -26.75 -2.82 11.52
CA VAL A 113 -27.08 -3.00 10.10
C VAL A 113 -26.99 -4.47 9.72
N ARG A 114 -25.94 -5.16 10.15
CA ARG A 114 -25.76 -6.57 9.80
C ARG A 114 -26.98 -7.40 10.20
N MET A 115 -27.60 -7.05 11.33
CA MET A 115 -28.74 -7.83 11.81
C MET A 115 -29.97 -7.61 10.94
N LYS A 116 -30.07 -6.46 10.27
CA LYS A 116 -31.15 -6.23 9.31
CA LYS A 116 -31.14 -6.20 9.32
C LYS A 116 -30.78 -6.64 7.90
N ARG A 117 -29.60 -7.22 7.70
CA ARG A 117 -29.19 -7.69 6.38
C ARG A 117 -28.90 -9.18 6.42
N ASP A 118 -29.87 -9.97 6.90
CA ASP A 118 -29.65 -11.37 7.25
C ASP A 118 -30.67 -12.23 6.54
N PRO A 119 -30.61 -12.32 5.21
CA PRO A 119 -31.62 -13.09 4.47
C PRO A 119 -31.58 -14.58 4.78
N LYS A 120 -30.43 -15.10 5.22
CA LYS A 120 -30.36 -16.49 5.66
C LYS A 120 -30.86 -16.68 7.09
N GLY A 121 -31.03 -15.60 7.85
CA GLY A 121 -31.58 -15.72 9.19
C GLY A 121 -30.63 -16.28 10.22
N LEU A 122 -29.32 -16.02 10.07
CA LEU A 122 -28.36 -16.58 11.02
C LEU A 122 -28.41 -15.84 12.35
N TYR A 123 -28.57 -14.52 12.33
CA TYR A 123 -28.63 -13.76 13.56
C TYR A 123 -29.91 -14.09 14.34
N SER A 124 -31.00 -14.32 13.61
CA SER A 124 -32.23 -14.81 14.23
C SER A 124 -32.01 -16.15 14.92
N LYS A 125 -31.40 -17.11 14.21
CA LYS A 125 -31.13 -18.41 14.81
C LYS A 125 -30.22 -18.29 16.01
N ALA A 126 -29.23 -17.39 15.95
CA ALA A 126 -28.34 -17.19 17.07
C ALA A 126 -29.08 -16.59 18.26
N LEU A 127 -29.82 -15.50 18.03
CA LEU A 127 -30.47 -14.79 19.13
C LEU A 127 -31.49 -15.66 19.84
N ARG A 128 -31.97 -16.74 19.22
CA ARG A 128 -32.79 -17.73 19.91
C ARG A 128 -31.99 -18.98 20.25
N GLY A 129 -30.70 -18.84 20.55
CA GLY A 129 -29.87 -19.95 20.98
C GLY A 129 -29.80 -21.16 20.06
N GLU A 130 -30.35 -21.04 18.84
CA GLU A 130 -30.38 -22.19 17.94
C GLU A 130 -29.00 -22.52 17.40
N ILE A 131 -28.14 -21.52 17.22
CA ILE A 131 -26.72 -21.76 16.94
C ILE A 131 -25.92 -20.91 17.91
N LYS A 132 -24.70 -21.35 18.20
CA LYS A 132 -23.84 -20.67 19.17
C LYS A 132 -22.59 -20.19 18.49
N GLY A 133 -22.11 -19.02 18.91
CA GLY A 133 -20.87 -18.49 18.40
C GLY A 133 -20.92 -18.01 16.97
N LEU A 134 -22.03 -17.39 16.57
CA LEU A 134 -22.10 -16.76 15.26
C LEU A 134 -21.11 -15.61 15.18
N THR A 135 -20.17 -15.67 14.23
CA THR A 135 -19.21 -14.60 14.06
C THR A 135 -19.91 -13.31 13.66
N GLY A 136 -19.80 -12.30 14.51
CA GLY A 136 -20.52 -11.05 14.36
C GLY A 136 -21.51 -10.78 15.47
N LEU A 137 -22.00 -11.82 16.15
CA LEU A 137 -22.84 -11.66 17.32
C LEU A 137 -21.99 -12.04 18.52
N ASP A 138 -22.08 -13.27 19.03
CA ASP A 138 -21.29 -13.71 20.17
C ASP A 138 -20.01 -14.42 19.77
N GLY A 139 -19.86 -14.80 18.50
CA GLY A 139 -18.60 -15.35 18.03
C GLY A 139 -17.62 -14.24 17.70
N GLU A 140 -16.37 -14.43 18.10
CA GLU A 140 -15.39 -13.35 18.03
C GLU A 140 -14.96 -13.07 16.59
N TYR A 141 -14.64 -11.81 16.32
CA TYR A 141 -14.04 -11.40 15.05
C TYR A 141 -12.95 -10.36 15.31
N GLU A 142 -11.73 -10.68 14.91
CA GLU A 142 -10.58 -9.79 15.04
C GLU A 142 -10.50 -8.92 13.78
N GLU A 143 -10.78 -7.62 13.93
CA GLU A 143 -10.87 -6.75 12.77
C GLU A 143 -9.48 -6.53 12.17
N PRO A 144 -9.35 -6.54 10.84
CA PRO A 144 -8.06 -6.23 10.22
C PRO A 144 -7.65 -4.80 10.54
N GLU A 145 -6.36 -4.59 10.73
CA GLU A 145 -5.90 -3.27 11.15
C GLU A 145 -5.64 -2.36 9.95
N ASN A 146 -4.89 -2.83 8.97
CA ASN A 146 -4.55 -2.05 7.79
C ASN A 146 -4.66 -2.92 6.53
N PRO A 147 -5.86 -3.41 6.22
CA PRO A 147 -6.01 -4.22 5.01
C PRO A 147 -5.90 -3.35 3.78
N GLU A 148 -5.55 -3.99 2.66
CA GLU A 148 -5.35 -3.25 1.42
C GLU A 148 -6.56 -2.40 1.06
N VAL A 149 -7.78 -2.88 1.36
CA VAL A 149 -9.01 -2.14 1.08
C VAL A 149 -9.97 -2.32 2.24
N VAL A 150 -10.49 -1.21 2.76
CA VAL A 150 -11.62 -1.22 3.68
C VAL A 150 -12.79 -0.57 2.98
N VAL A 151 -13.97 -1.17 3.09
CA VAL A 151 -15.20 -0.58 2.56
C VAL A 151 -16.25 -0.63 3.65
N ASP A 152 -17.05 0.43 3.74
CA ASP A 152 -18.14 0.50 4.70
C ASP A 152 -19.43 0.17 3.94
N THR A 153 -19.89 -1.07 4.07
CA THR A 153 -21.03 -1.53 3.30
C THR A 153 -22.35 -0.95 3.79
N ASP A 154 -22.34 -0.20 4.89
CA ASP A 154 -23.51 0.58 5.29
C ASP A 154 -23.49 1.98 4.69
N LYS A 155 -22.39 2.37 4.07
CA LYS A 155 -22.24 3.71 3.49
C LYS A 155 -21.90 3.69 2.01
N MET A 156 -21.57 2.53 1.43
CA MET A 156 -21.12 2.44 0.05
C MET A 156 -21.97 1.43 -0.70
N THR A 157 -22.26 1.75 -1.97
CA THR A 157 -22.90 0.80 -2.85
C THR A 157 -21.92 -0.30 -3.25
N VAL A 158 -22.48 -1.44 -3.69
CA VAL A 158 -21.63 -2.52 -4.19
C VAL A 158 -20.78 -2.02 -5.35
N GLU A 159 -21.37 -1.24 -6.25
CA GLU A 159 -20.61 -0.62 -7.34
CA GLU A 159 -20.61 -0.63 -7.33
C GLU A 159 -19.38 0.11 -6.82
N GLU A 160 -19.58 0.97 -5.81
CA GLU A 160 -18.45 1.74 -5.28
C GLU A 160 -17.43 0.84 -4.60
N GLU A 161 -17.88 -0.26 -3.98
CA GLU A 161 -16.93 -1.22 -3.42
C GLU A 161 -16.05 -1.83 -4.50
N VAL A 162 -16.67 -2.25 -5.60
CA VAL A 162 -15.91 -2.81 -6.72
C VAL A 162 -14.90 -1.81 -7.24
N GLU A 163 -15.35 -0.57 -7.49
CA GLU A 163 -14.44 0.48 -7.95
C GLU A 163 -13.26 0.65 -7.00
N ALA A 164 -13.52 0.64 -5.68
CA ALA A 164 -12.45 0.82 -4.71
C ALA A 164 -11.43 -0.31 -4.80
N VAL A 165 -11.91 -1.56 -4.94
CA VAL A 165 -10.99 -2.69 -5.06
C VAL A 165 -10.18 -2.57 -6.34
N LEU A 166 -10.84 -2.25 -7.45
CA LEU A 166 -10.14 -2.13 -8.72
C LEU A 166 -9.12 -1.01 -8.69
N LYS A 167 -9.46 0.10 -8.02
CA LYS A 167 -8.51 1.20 -7.89
C LYS A 167 -7.24 0.73 -7.18
N LYS A 168 -7.40 0.01 -6.06
CA LYS A 168 -6.26 -0.51 -5.33
C LYS A 168 -5.47 -1.50 -6.17
N LEU A 169 -6.15 -2.34 -6.96
CA LEU A 169 -5.44 -3.30 -7.79
C LEU A 169 -4.57 -2.61 -8.83
N MET A 170 -5.04 -1.50 -9.42
CA MET A 170 -4.19 -0.80 -10.38
C MET A 170 -3.02 -0.11 -9.69
N GLU A 171 -3.20 0.42 -8.48
CA GLU A 171 -2.08 1.07 -7.80
C GLU A 171 -1.00 0.06 -7.40
N LEU A 172 -1.39 -1.18 -7.09
CA LEU A 172 -0.40 -2.21 -6.80
C LEU A 172 0.32 -2.69 -8.04
N GLY A 173 -0.18 -2.34 -9.23
CA GLY A 173 0.35 -2.88 -10.47
C GLY A 173 -0.17 -4.25 -10.82
N TYR A 174 -1.18 -4.75 -10.09
CA TYR A 174 -1.70 -6.09 -10.33
C TYR A 174 -2.60 -6.15 -11.56
N LEU A 175 -3.26 -5.05 -11.90
CA LEU A 175 -4.01 -4.95 -13.14
C LEU A 175 -3.40 -3.89 -14.06
N SER B 3 0.75 19.90 0.73
CA SER B 3 1.07 20.72 1.90
C SER B 3 0.97 19.89 3.18
N MET B 4 0.20 18.80 3.11
CA MET B 4 0.13 17.83 4.19
C MET B 4 1.30 16.86 4.08
N SER B 5 2.07 16.73 5.15
CA SER B 5 3.17 15.77 5.20
C SER B 5 2.69 14.47 5.84
N PHE B 6 3.63 13.62 6.27
CA PHE B 6 3.33 12.27 6.71
C PHE B 6 3.97 12.00 8.06
N VAL B 7 3.52 10.90 8.68
CA VAL B 7 3.99 10.45 9.98
C VAL B 7 4.49 9.03 9.84
N ILE B 8 5.73 8.80 10.24
CA ILE B 8 6.27 7.45 10.33
C ILE B 8 6.05 6.98 11.76
N TRP B 9 5.13 6.03 11.94
CA TRP B 9 4.75 5.54 13.27
C TRP B 9 5.40 4.19 13.50
N ILE B 10 6.43 4.15 14.34
CA ILE B 10 7.17 2.93 14.60
C ILE B 10 6.69 2.34 15.92
N THR B 11 6.04 1.19 15.84
CA THR B 11 5.47 0.46 16.97
C THR B 11 6.23 -0.84 17.19
N GLY B 12 6.27 -1.29 18.44
CA GLY B 12 6.93 -2.53 18.77
C GLY B 12 7.25 -2.67 20.25
N PRO B 13 7.49 -3.90 20.69
CA PRO B 13 7.81 -4.13 22.10
C PRO B 13 9.17 -3.57 22.45
N SER B 14 9.48 -3.62 23.75
CA SER B 14 10.74 -3.08 24.24
C SER B 14 11.92 -3.83 23.65
N GLY B 15 12.91 -3.08 23.18
CA GLY B 15 14.09 -3.67 22.58
C GLY B 15 13.94 -4.09 21.13
N ALA B 16 12.84 -3.72 20.47
CA ALA B 16 12.67 -4.10 19.08
C ALA B 16 13.55 -3.29 18.14
N GLY B 17 14.03 -2.14 18.58
CA GLY B 17 14.84 -1.27 17.77
C GLY B 17 14.15 -0.02 17.26
N LYS B 18 13.07 0.43 17.92
CA LYS B 18 12.26 1.53 17.40
C LYS B 18 13.03 2.84 17.41
N THR B 19 13.65 3.19 18.55
CA THR B 19 14.36 4.46 18.66
C THR B 19 15.54 4.51 17.71
N THR B 20 16.27 3.40 17.59
CA THR B 20 17.39 3.32 16.67
C THR B 20 16.96 3.63 15.24
N LEU B 21 15.90 2.99 14.77
CA LEU B 21 15.42 3.25 13.42
C LEU B 21 14.90 4.68 13.29
N ALA B 22 14.19 5.17 14.31
CA ALA B 22 13.72 6.55 14.28
C ALA B 22 14.89 7.52 14.11
N ASN B 23 15.97 7.31 14.86
CA ASN B 23 17.09 8.24 14.78
C ASN B 23 17.82 8.13 13.45
N ALA B 24 17.95 6.91 12.92
CA ALA B 24 18.61 6.74 11.63
C ALA B 24 17.80 7.39 10.52
N LEU B 25 16.47 7.28 10.59
CA LEU B 25 15.61 7.92 9.60
C LEU B 25 15.70 9.44 9.68
N TYR B 26 15.79 9.98 10.90
CA TYR B 26 15.92 11.42 11.06
C TYR B 26 17.21 11.92 10.42
N LYS B 27 18.33 11.27 10.71
CA LYS B 27 19.60 11.66 10.10
CA LYS B 27 19.59 11.67 10.10
C LYS B 27 19.52 11.63 8.58
N LYS B 28 18.87 10.62 8.03
CA LYS B 28 18.81 10.46 6.58
C LYS B 28 17.90 11.52 5.94
N LEU B 29 16.71 11.73 6.50
CA LEU B 29 15.78 12.67 5.88
C LEU B 29 16.29 14.10 5.99
N GLU B 30 16.90 14.45 7.13
CA GLU B 30 17.44 15.81 7.25
C GLU B 30 18.69 16.00 6.41
N SER B 31 19.47 14.94 6.19
CA SER B 31 20.58 15.04 5.25
CA SER B 31 20.59 15.02 5.25
C SER B 31 20.10 15.37 3.85
N MET B 32 18.87 14.98 3.52
CA MET B 32 18.26 15.29 2.23
C MET B 32 17.64 16.67 2.19
N GLY B 33 17.66 17.41 3.30
CA GLY B 33 17.09 18.75 3.32
C GLY B 33 15.66 18.83 3.82
N TYR B 34 15.16 17.80 4.47
CA TYR B 34 13.80 17.80 4.98
C TYR B 34 13.80 18.28 6.43
N ARG B 35 12.70 18.91 6.85
CA ARG B 35 12.53 19.26 8.25
C ARG B 35 11.69 18.19 8.93
N VAL B 36 12.20 17.68 10.05
CA VAL B 36 11.67 16.50 10.70
C VAL B 36 11.58 16.76 12.20
N GLU B 37 10.54 16.21 12.84
CA GLU B 37 10.37 16.22 14.30
C GLU B 37 10.33 14.76 14.78
N LEU B 38 11.05 14.48 15.86
CA LEU B 38 11.10 13.14 16.48
C LEU B 38 10.22 13.14 17.74
N LEU B 39 9.31 12.18 17.81
CA LEU B 39 8.50 11.96 19.03
C LEU B 39 8.77 10.55 19.58
N ASP B 40 9.64 10.46 20.55
CA ASP B 40 10.01 9.17 21.11
C ASP B 40 9.28 8.98 22.44
N GLY B 41 8.70 7.79 22.62
CA GLY B 41 7.89 7.53 23.81
C GLY B 41 8.60 7.87 25.10
N ASP B 42 9.80 7.33 25.29
CA ASP B 42 10.55 7.61 26.52
C ASP B 42 10.89 9.09 26.63
N GLY B 43 11.28 9.72 25.52
CA GLY B 43 11.66 11.12 25.57
C GLY B 43 10.49 12.03 25.88
N VAL B 44 9.34 11.76 25.29
CA VAL B 44 8.14 12.56 25.54
C VAL B 44 7.69 12.39 26.99
N ARG B 45 7.73 11.16 27.51
CA ARG B 45 7.32 10.93 28.89
C ARG B 45 8.18 11.73 29.86
N ARG B 46 9.49 11.67 29.71
CA ARG B 46 10.33 12.32 30.72
C ARG B 46 10.32 13.84 30.59
N LYS B 47 9.97 14.37 29.42
CA LYS B 47 9.72 15.82 29.28
C LYS B 47 8.38 16.23 29.90
N LEU B 48 7.31 15.51 29.57
CA LEU B 48 5.96 15.98 29.85
C LEU B 48 5.34 15.40 31.12
N TYR B 49 5.63 14.15 31.46
CA TYR B 49 5.00 13.57 32.65
C TYR B 49 5.83 12.39 33.12
N PRO B 50 6.97 12.65 33.76
CA PRO B 50 7.88 11.56 34.14
C PRO B 50 7.34 10.66 35.23
N ASN B 51 6.31 11.09 35.97
CA ASN B 51 5.64 10.23 36.95
C ASN B 51 4.55 9.35 36.37
N LEU B 52 4.15 9.56 35.12
CA LEU B 52 3.14 8.72 34.50
C LEU B 52 3.62 7.27 34.45
N GLY B 53 2.75 6.35 34.82
CA GLY B 53 3.08 4.94 34.86
C GLY B 53 2.71 4.22 33.58
N PHE B 54 2.48 2.91 33.70
CA PHE B 54 2.27 2.07 32.54
C PHE B 54 1.01 1.22 32.64
N SER B 55 0.05 1.61 33.47
CA SER B 55 -1.28 1.02 33.37
CA SER B 55 -1.27 1.00 33.37
C SER B 55 -1.91 1.41 32.04
N GLU B 56 -2.98 0.71 31.67
CA GLU B 56 -3.55 0.87 30.32
C GLU B 56 -4.05 2.31 30.11
N GLU B 57 -4.81 2.86 31.05
CA GLU B 57 -5.36 4.23 30.87
C GLU B 57 -4.22 5.25 30.72
N GLU B 58 -3.16 5.10 31.50
CA GLU B 58 -1.98 5.99 31.43
C GLU B 58 -1.32 5.92 30.05
N ARG B 59 -1.00 4.71 29.57
CA ARG B 59 -0.40 4.55 28.25
C ARG B 59 -1.29 5.17 27.18
N TRP B 60 -2.60 5.01 27.34
CA TRP B 60 -3.55 5.51 26.35
C TRP B 60 -3.55 7.03 26.30
N MET B 61 -3.55 7.69 27.46
CA MET B 61 -3.50 9.16 27.45
C MET B 61 -2.22 9.65 26.79
N HIS B 62 -1.09 9.02 27.12
CA HIS B 62 0.20 9.38 26.52
C HIS B 62 0.18 9.16 25.01
N ASN B 63 -0.43 8.06 24.55
CA ASN B 63 -0.52 7.84 23.11
C ASN B 63 -1.39 8.91 22.46
N ARG B 64 -2.49 9.31 23.11
CA ARG B 64 -3.33 10.36 22.54
C ARG B 64 -2.56 11.67 22.39
N VAL B 65 -1.72 11.99 23.36
CA VAL B 65 -0.88 13.19 23.26
C VAL B 65 0.04 13.10 22.05
N VAL B 66 0.72 11.96 21.89
CA VAL B 66 1.65 11.81 20.78
C VAL B 66 0.92 11.89 19.44
N VAL B 67 -0.25 11.24 19.36
CA VAL B 67 -1.05 11.32 18.13
C VAL B 67 -1.37 12.77 17.78
N GLU B 68 -1.85 13.54 18.76
CA GLU B 68 -2.27 14.91 18.44
C GLU B 68 -1.07 15.77 18.07
N MET B 69 0.08 15.52 18.69
CA MET B 69 1.30 16.24 18.34
C MET B 69 1.69 15.97 16.88
N ALA B 70 1.69 14.72 16.48
CA ALA B 70 1.99 14.33 15.09
C ALA B 70 0.99 14.86 14.08
N ARG B 71 -0.27 14.80 14.44
CA ARG B 71 -1.30 15.31 13.59
C ARG B 71 -1.08 16.79 13.24
N ARG B 72 -0.82 17.57 14.28
CA ARG B 72 -0.64 19.01 14.07
C ARG B 72 0.62 19.38 13.27
N LEU B 73 1.71 18.71 13.55
CA LEU B 73 2.93 18.94 12.81
C LEU B 73 2.80 18.48 11.35
N SER B 74 2.31 17.27 11.17
CA SER B 74 2.13 16.68 9.85
C SER B 74 1.25 17.53 8.94
N ARG B 75 0.14 17.99 9.46
CA ARG B 75 -0.81 18.76 8.65
C ARG B 75 -0.29 20.14 8.26
N ASN B 76 0.85 20.52 8.78
CA ASN B 76 1.48 21.78 8.47
C ASN B 76 2.79 21.58 7.70
N GLY B 77 2.99 20.40 7.09
CA GLY B 77 4.15 20.15 6.27
C GLY B 77 5.39 19.59 6.91
N ILE B 78 5.29 19.20 8.16
CA ILE B 78 6.42 18.71 8.88
C ILE B 78 6.45 17.18 9.02
N ILE B 79 7.49 16.56 8.49
CA ILE B 79 7.63 15.12 8.67
C ILE B 79 7.80 14.82 10.15
N THR B 80 7.03 13.86 10.64
CA THR B 80 7.07 13.47 12.06
C THR B 80 7.35 11.98 12.16
N ILE B 81 8.35 11.62 12.96
CA ILE B 81 8.71 10.22 13.21
C ILE B 81 8.38 9.90 14.65
N VAL B 82 7.48 8.93 14.84
CA VAL B 82 7.04 8.50 16.15
C VAL B 82 7.66 7.15 16.46
N SER B 83 8.22 7.02 17.66
CA SER B 83 8.82 5.78 18.16
CA SER B 83 8.78 5.75 18.13
C SER B 83 8.23 5.51 19.54
N VAL B 84 7.07 4.87 19.59
CA VAL B 84 6.39 4.57 20.85
C VAL B 84 5.91 3.13 20.80
N VAL B 85 5.86 2.48 21.97
CA VAL B 85 5.51 1.07 22.03
C VAL B 85 4.16 0.83 21.37
N SER B 86 3.15 1.65 21.71
CA SER B 86 1.77 1.60 21.22
C SER B 86 1.30 0.15 21.08
N PRO B 87 1.08 -0.55 22.18
CA PRO B 87 0.96 -2.01 22.14
C PRO B 87 -0.40 -2.54 21.68
N TYR B 88 -1.44 -1.71 21.59
CA TYR B 88 -2.77 -2.18 21.23
C TYR B 88 -3.19 -1.73 19.85
N ARG B 89 -3.78 -2.68 19.11
CA ARG B 89 -4.24 -2.41 17.76
CA ARG B 89 -4.25 -2.42 17.76
C ARG B 89 -5.18 -1.22 17.71
N ALA B 90 -6.10 -1.13 18.67
CA ALA B 90 -7.12 -0.07 18.64
C ALA B 90 -6.51 1.32 18.73
N TRP B 91 -5.36 1.47 19.40
CA TRP B 91 -4.74 2.77 19.52
C TRP B 91 -4.07 3.19 18.22
N ARG B 92 -3.44 2.22 17.53
CA ARG B 92 -2.81 2.51 16.25
C ARG B 92 -3.84 2.77 15.16
N GLU B 93 -5.03 2.16 15.28
CA GLU B 93 -6.12 2.50 14.36
C GLU B 93 -6.64 3.90 14.61
N TYR B 94 -6.74 4.29 15.88
CA TYR B 94 -7.07 5.68 16.22
C TYR B 94 -6.06 6.65 15.61
N ALA B 95 -4.77 6.35 15.76
CA ALA B 95 -3.73 7.19 15.19
C ALA B 95 -3.85 7.26 13.67
N ARG B 96 -4.10 6.12 13.03
CA ARG B 96 -4.25 6.10 11.58
C ARG B 96 -5.44 6.93 11.12
N LYS B 97 -6.47 7.03 11.97
CA LYS B 97 -7.64 7.83 11.63
C LYS B 97 -7.37 9.32 11.81
N GLU B 98 -6.55 9.68 12.80
CA GLU B 98 -6.24 11.09 13.06
C GLU B 98 -5.22 11.66 12.08
N ILE B 99 -4.42 10.82 11.46
CA ILE B 99 -3.25 11.22 10.67
C ILE B 99 -3.46 10.74 9.25
N GLU B 100 -3.63 11.68 8.32
CA GLU B 100 -3.98 11.31 6.94
C GLU B 100 -2.95 10.38 6.33
N LYS B 101 -1.71 10.84 6.20
CA LYS B 101 -0.63 10.10 5.55
C LYS B 101 0.14 9.35 6.64
N PHE B 102 -0.37 8.17 6.99
CA PHE B 102 0.09 7.39 8.13
C PHE B 102 0.91 6.20 7.64
N VAL B 103 2.15 6.08 8.09
CA VAL B 103 3.08 5.05 7.62
C VAL B 103 3.50 4.23 8.83
N GLU B 104 2.88 3.06 9.01
CA GLU B 104 3.14 2.21 10.15
C GLU B 104 4.35 1.32 9.89
N VAL B 105 5.30 1.31 10.82
CA VAL B 105 6.54 0.55 10.71
C VAL B 105 6.66 -0.35 11.92
N TYR B 106 6.85 -1.66 11.67
CA TYR B 106 6.91 -2.68 12.72
C TYR B 106 8.27 -3.35 12.73
N PRO B 107 9.16 -2.99 13.67
CA PRO B 107 10.38 -3.78 13.87
C PRO B 107 10.12 -5.08 14.59
N ARG B 108 10.15 -6.18 13.83
CA ARG B 108 9.87 -7.51 14.35
C ARG B 108 11.16 -8.16 14.81
N CYS B 109 11.17 -8.65 16.06
CA CYS B 109 12.37 -9.22 16.64
C CYS B 109 11.97 -10.28 17.67
N PRO B 110 12.54 -11.48 17.62
CA PRO B 110 12.13 -12.53 18.56
C PRO B 110 12.53 -12.21 19.99
N LEU B 111 11.76 -12.77 20.92
CA LEU B 111 11.99 -12.50 22.34
C LEU B 111 13.43 -12.80 22.76
N GLU B 112 13.99 -13.92 22.30
CA GLU B 112 15.31 -14.31 22.75
C GLU B 112 16.38 -13.32 22.29
N VAL B 113 16.17 -12.68 21.14
CA VAL B 113 17.09 -11.63 20.69
C VAL B 113 16.84 -10.33 21.45
N ARG B 114 15.58 -9.99 21.70
CA ARG B 114 15.28 -8.73 22.39
C ARG B 114 15.89 -8.71 23.79
N MET B 115 15.91 -9.86 24.46
CA MET B 115 16.52 -9.93 25.80
C MET B 115 18.03 -9.74 25.74
N LYS B 116 18.64 -10.04 24.60
CA LYS B 116 20.07 -9.83 24.40
C LYS B 116 20.38 -8.48 23.79
N ARG B 117 19.36 -7.63 23.61
CA ARG B 117 19.51 -6.30 23.04
C ARG B 117 18.91 -5.26 23.96
N ASP B 118 19.32 -5.28 25.22
CA ASP B 118 18.65 -4.53 26.27
C ASP B 118 19.68 -3.71 27.05
N PRO B 119 20.20 -2.64 26.43
CA PRO B 119 21.22 -1.82 27.12
C PRO B 119 20.70 -1.11 28.36
N LYS B 120 19.40 -0.88 28.47
CA LYS B 120 18.83 -0.24 29.66
C LYS B 120 18.50 -1.23 30.76
N GLY B 121 18.49 -2.53 30.48
CA GLY B 121 18.24 -3.51 31.51
C GLY B 121 16.79 -3.68 31.89
N LEU B 122 15.85 -3.39 30.98
CA LEU B 122 14.44 -3.52 31.31
C LEU B 122 14.03 -4.97 31.48
N TYR B 123 14.49 -5.86 30.60
CA TYR B 123 14.12 -7.26 30.71
C TYR B 123 14.75 -7.88 31.96
N SER B 124 15.98 -7.49 32.28
CA SER B 124 16.62 -7.95 33.51
C SER B 124 15.83 -7.53 34.73
N LYS B 125 15.45 -6.25 34.81
CA LYS B 125 14.60 -5.79 35.92
C LYS B 125 13.29 -6.58 35.95
N ALA B 126 12.70 -6.84 34.78
CA ALA B 126 11.42 -7.52 34.73
C ALA B 126 11.55 -8.96 35.24
N LEU B 127 12.58 -9.69 34.78
CA LEU B 127 12.81 -11.06 35.23
C LEU B 127 13.02 -11.14 36.73
N ARG B 128 13.46 -10.04 37.36
CA ARG B 128 13.63 -9.98 38.80
C ARG B 128 12.42 -9.40 39.51
N GLY B 129 11.27 -9.30 38.83
CA GLY B 129 10.06 -8.78 39.44
C GLY B 129 10.12 -7.33 39.84
N GLU B 130 11.16 -6.61 39.42
CA GLU B 130 11.34 -5.22 39.81
C GLU B 130 10.44 -4.28 39.01
N ILE B 131 10.06 -4.68 37.80
CA ILE B 131 8.97 -4.05 37.05
C ILE B 131 8.10 -5.16 36.50
N LYS B 132 6.81 -4.88 36.36
CA LYS B 132 5.83 -5.88 35.95
C LYS B 132 5.14 -5.43 34.67
N GLY B 133 4.76 -6.39 33.84
CA GLY B 133 4.10 -6.06 32.59
C GLY B 133 4.95 -5.29 31.61
N LEU B 134 6.24 -5.59 31.54
CA LEU B 134 7.08 -5.01 30.50
C LEU B 134 6.61 -5.49 29.13
N THR B 135 6.30 -4.55 28.24
CA THR B 135 5.82 -4.92 26.91
C THR B 135 6.91 -5.67 26.16
N GLY B 136 6.60 -6.91 25.76
CA GLY B 136 7.55 -7.80 25.14
C GLY B 136 7.86 -9.04 25.98
N LEU B 137 7.70 -8.93 27.30
CA LEU B 137 7.93 -10.07 28.19
C LEU B 137 6.58 -10.51 28.72
N ASP B 138 6.15 -10.03 29.88
CA ASP B 138 4.84 -10.36 30.41
C ASP B 138 3.78 -9.32 30.05
N GLY B 139 4.16 -8.21 29.44
CA GLY B 139 3.21 -7.22 28.96
C GLY B 139 2.80 -7.52 27.53
N GLU B 140 1.49 -7.43 27.27
CA GLU B 140 0.96 -7.83 25.97
CA GLU B 140 0.93 -7.80 25.98
C GLU B 140 1.38 -6.84 24.88
N TYR B 141 1.66 -7.39 23.70
CA TYR B 141 1.90 -6.61 22.49
C TYR B 141 1.08 -7.21 21.36
N GLU B 142 0.17 -6.42 20.80
CA GLU B 142 -0.64 -6.85 19.66
C GLU B 142 0.11 -6.52 18.39
N GLU B 143 0.53 -7.55 17.66
CA GLU B 143 1.35 -7.34 16.47
C GLU B 143 0.52 -6.76 15.34
N PRO B 144 1.07 -5.79 14.59
CA PRO B 144 0.36 -5.26 13.42
C PRO B 144 0.17 -6.35 12.37
N GLU B 145 -1.00 -6.34 11.72
CA GLU B 145 -1.30 -7.40 10.76
C GLU B 145 -0.69 -7.12 9.38
N ASN B 146 -0.72 -5.87 8.93
CA ASN B 146 -0.23 -5.51 7.60
C ASN B 146 0.23 -4.06 7.63
N PRO B 147 1.30 -3.77 8.37
CA PRO B 147 1.80 -2.40 8.39
C PRO B 147 2.47 -2.05 7.07
N GLU B 148 2.53 -0.75 6.81
CA GLU B 148 3.18 -0.28 5.58
C GLU B 148 4.57 -0.86 5.41
N VAL B 149 5.29 -1.08 6.51
CA VAL B 149 6.64 -1.65 6.47
C VAL B 149 6.81 -2.58 7.66
N VAL B 150 7.26 -3.81 7.40
CA VAL B 150 7.77 -4.73 8.43
C VAL B 150 9.26 -4.91 8.19
N VAL B 151 10.06 -4.79 9.25
CA VAL B 151 11.48 -5.07 9.19
C VAL B 151 11.83 -6.05 10.31
N ASP B 152 12.66 -7.04 9.99
CA ASP B 152 13.13 -8.02 10.97
C ASP B 152 14.47 -7.54 11.49
N THR B 153 14.47 -6.92 12.66
CA THR B 153 15.71 -6.34 13.18
C THR B 153 16.72 -7.39 13.62
N ASP B 154 16.35 -8.66 13.70
CA ASP B 154 17.34 -9.71 13.88
C ASP B 154 17.99 -10.13 12.59
N LYS B 155 17.39 -9.79 11.44
CA LYS B 155 17.93 -10.19 10.15
C LYS B 155 18.38 -9.03 9.26
N MET B 156 17.98 -7.79 9.56
CA MET B 156 18.39 -6.65 8.74
C MET B 156 19.26 -5.69 9.54
N THR B 157 20.18 -5.05 8.83
CA THR B 157 20.96 -3.97 9.40
C THR B 157 20.10 -2.71 9.47
N VAL B 158 20.50 -1.78 10.34
CA VAL B 158 19.79 -0.51 10.45
C VAL B 158 19.74 0.19 9.10
N GLU B 159 20.84 0.13 8.34
CA GLU B 159 20.88 0.72 7.01
C GLU B 159 19.82 0.13 6.10
N GLU B 160 19.68 -1.20 6.09
CA GLU B 160 18.64 -1.81 5.25
C GLU B 160 17.24 -1.48 5.75
N GLU B 161 17.04 -1.32 7.06
CA GLU B 161 15.74 -0.88 7.56
C GLU B 161 15.40 0.51 7.04
N VAL B 162 16.37 1.41 7.06
CA VAL B 162 16.14 2.77 6.56
C VAL B 162 15.77 2.74 5.09
N GLU B 163 16.56 2.03 4.28
CA GLU B 163 16.28 1.96 2.84
C GLU B 163 14.90 1.38 2.58
N ALA B 164 14.49 0.38 3.37
CA ALA B 164 13.18 -0.22 3.18
C ALA B 164 12.04 0.77 3.46
N VAL B 165 12.21 1.62 4.48
CA VAL B 165 11.19 2.63 4.76
C VAL B 165 11.16 3.67 3.64
N LEU B 166 12.33 4.19 3.27
CA LEU B 166 12.41 5.16 2.17
C LEU B 166 11.82 4.61 0.89
N LYS B 167 12.06 3.33 0.61
CA LYS B 167 11.49 2.73 -0.60
C LYS B 167 9.97 2.80 -0.57
N LYS B 168 9.37 2.41 0.56
CA LYS B 168 7.92 2.47 0.69
C LYS B 168 7.41 3.90 0.64
N LEU B 169 8.18 4.85 1.17
CA LEU B 169 7.75 6.25 1.12
C LEU B 169 7.67 6.74 -0.33
N MET B 170 8.65 6.38 -1.16
CA MET B 170 8.59 6.77 -2.57
C MET B 170 7.45 6.04 -3.29
N GLU B 171 7.22 4.77 -2.98
CA GLU B 171 6.11 4.06 -3.60
C GLU B 171 4.78 4.74 -3.31
N LEU B 172 4.62 5.27 -2.09
CA LEU B 172 3.41 6.00 -1.73
C LEU B 172 3.33 7.37 -2.36
N GLY B 173 4.42 7.87 -2.94
CA GLY B 173 4.45 9.23 -3.43
C GLY B 173 4.62 10.28 -2.36
N TYR B 174 4.96 9.87 -1.14
CA TYR B 174 5.18 10.82 -0.05
C TYR B 174 6.55 11.50 -0.17
N LEU B 175 7.53 10.79 -0.73
CA LEU B 175 8.83 11.37 -1.04
C LEU B 175 8.99 11.46 -2.57
N MET C 4 -52.86 -21.13 -19.51
CA MET C 4 -52.61 -22.39 -18.83
C MET C 4 -51.74 -22.21 -17.58
N SER C 5 -50.60 -21.54 -17.73
CA SER C 5 -49.69 -21.38 -16.59
C SER C 5 -50.03 -20.08 -15.85
N PHE C 6 -49.21 -19.74 -14.85
CA PHE C 6 -49.51 -18.62 -13.97
C PHE C 6 -48.38 -17.60 -13.96
N VAL C 7 -48.70 -16.42 -13.44
CA VAL C 7 -47.76 -15.33 -13.29
C VAL C 7 -47.68 -14.97 -11.81
N ILE C 8 -46.48 -15.00 -11.25
CA ILE C 8 -46.21 -14.46 -9.93
C ILE C 8 -45.82 -13.00 -10.12
N TRP C 9 -46.68 -12.08 -9.67
CA TRP C 9 -46.44 -10.64 -9.81
C TRP C 9 -46.02 -10.07 -8.47
N ILE C 10 -44.74 -9.75 -8.35
CA ILE C 10 -44.16 -9.25 -7.11
C ILE C 10 -44.06 -7.73 -7.22
N THR C 11 -44.81 -7.03 -6.38
CA THR C 11 -44.92 -5.58 -6.41
C THR C 11 -44.48 -5.00 -5.07
N GLY C 12 -43.92 -3.78 -5.11
CA GLY C 12 -43.51 -3.13 -3.89
C GLY C 12 -42.52 -2.00 -4.10
N PRO C 13 -42.32 -1.20 -3.06
CA PRO C 13 -41.37 -0.08 -3.17
C PRO C 13 -39.94 -0.58 -3.29
N SER C 14 -39.05 0.36 -3.62
CA SER C 14 -37.63 0.02 -3.76
C SER C 14 -37.07 -0.54 -2.47
N GLY C 15 -36.35 -1.65 -2.57
CA GLY C 15 -35.72 -2.28 -1.43
C GLY C 15 -36.60 -3.24 -0.67
N ALA C 16 -37.79 -3.54 -1.16
CA ALA C 16 -38.69 -4.44 -0.44
C ALA C 16 -38.26 -5.90 -0.54
N GLY C 17 -37.42 -6.25 -1.51
CA GLY C 17 -36.96 -7.60 -1.71
C GLY C 17 -37.56 -8.32 -2.91
N LYS C 18 -38.00 -7.58 -3.93
CA LYS C 18 -38.74 -8.18 -5.04
C LYS C 18 -37.85 -9.10 -5.86
N THR C 19 -36.74 -8.57 -6.38
CA THR C 19 -35.84 -9.36 -7.22
C THR C 19 -35.24 -10.53 -6.45
N THR C 20 -34.95 -10.33 -5.16
CA THR C 20 -34.40 -11.40 -4.34
C THR C 20 -35.39 -12.55 -4.23
N LEU C 21 -36.67 -12.24 -3.99
CA LEU C 21 -37.70 -13.26 -3.93
C LEU C 21 -37.95 -13.88 -5.29
N ALA C 22 -37.91 -13.07 -6.36
CA ALA C 22 -38.08 -13.62 -7.70
C ALA C 22 -36.98 -14.60 -8.05
N ASN C 23 -35.73 -14.28 -7.70
CA ASN C 23 -34.61 -15.15 -8.02
C ASN C 23 -34.68 -16.47 -7.24
N ALA C 24 -35.09 -16.41 -5.98
CA ALA C 24 -35.20 -17.62 -5.18
C ALA C 24 -36.35 -18.51 -5.68
N LEU C 25 -37.48 -17.89 -6.03
CA LEU C 25 -38.60 -18.64 -6.56
C LEU C 25 -38.26 -19.29 -7.90
N TYR C 26 -37.49 -18.59 -8.73
CA TYR C 26 -37.04 -19.16 -9.99
C TYR C 26 -36.14 -20.37 -9.77
N LYS C 27 -35.15 -20.24 -8.87
CA LYS C 27 -34.27 -21.36 -8.59
C LYS C 27 -35.05 -22.55 -8.05
N LYS C 28 -36.01 -22.30 -7.15
CA LYS C 28 -36.79 -23.41 -6.59
C LYS C 28 -37.66 -24.07 -7.65
N LEU C 29 -38.35 -23.26 -8.46
CA LEU C 29 -39.30 -23.82 -9.42
C LEU C 29 -38.58 -24.59 -10.52
N GLU C 30 -37.44 -24.08 -11.01
CA GLU C 30 -36.70 -24.83 -12.00
C GLU C 30 -35.99 -26.04 -11.40
N SER C 31 -35.70 -26.03 -10.11
CA SER C 31 -35.22 -27.25 -9.46
C SER C 31 -36.32 -28.30 -9.38
N MET C 32 -37.58 -27.89 -9.47
CA MET C 32 -38.71 -28.81 -9.47
C MET C 32 -39.07 -29.30 -10.87
N GLY C 33 -38.30 -28.90 -11.89
CA GLY C 33 -38.53 -29.32 -13.25
C GLY C 33 -39.34 -28.35 -14.10
N TYR C 34 -39.73 -27.20 -13.55
CA TYR C 34 -40.58 -26.27 -14.27
C TYR C 34 -39.78 -25.36 -15.17
N ARG C 35 -40.43 -24.88 -16.23
CA ARG C 35 -39.87 -23.89 -17.15
C ARG C 35 -40.34 -22.51 -16.72
N VAL C 36 -39.41 -21.60 -16.45
CA VAL C 36 -39.72 -20.32 -15.81
C VAL C 36 -38.98 -19.18 -16.52
N GLU C 37 -39.67 -18.05 -16.67
CA GLU C 37 -39.08 -16.81 -17.19
C GLU C 37 -39.17 -15.73 -16.12
N LEU C 38 -38.14 -14.89 -16.05
CA LEU C 38 -38.12 -13.80 -15.08
CA LEU C 38 -38.10 -13.79 -15.07
C LEU C 38 -38.19 -12.47 -15.81
N LEU C 39 -39.12 -11.61 -15.37
CA LEU C 39 -39.28 -10.27 -15.91
C LEU C 39 -39.03 -9.30 -14.76
N ASP C 40 -37.81 -8.79 -14.66
CA ASP C 40 -37.46 -7.86 -13.60
C ASP C 40 -37.49 -6.45 -14.16
N GLY C 41 -38.13 -5.53 -13.42
CA GLY C 41 -38.30 -4.17 -13.94
C GLY C 41 -36.99 -3.51 -14.32
N ASP C 42 -35.97 -3.65 -13.47
CA ASP C 42 -34.70 -3.01 -13.73
C ASP C 42 -33.98 -3.68 -14.91
N GLY C 43 -34.07 -5.01 -15.01
CA GLY C 43 -33.42 -5.71 -16.10
C GLY C 43 -34.08 -5.43 -17.45
N VAL C 44 -35.41 -5.41 -17.48
CA VAL C 44 -36.12 -5.13 -18.72
C VAL C 44 -35.83 -3.71 -19.20
N ARG C 45 -35.81 -2.75 -18.27
CA ARG C 45 -35.50 -1.36 -18.62
C ARG C 45 -34.12 -1.26 -19.24
N ARG C 46 -33.14 -1.89 -18.62
CA ARG C 46 -31.73 -1.84 -19.04
CA ARG C 46 -31.78 -1.71 -19.12
C ARG C 46 -31.51 -2.48 -20.41
N LYS C 47 -32.39 -3.40 -20.81
CA LYS C 47 -32.24 -4.04 -22.12
C LYS C 47 -33.09 -3.41 -23.21
N LEU C 48 -34.30 -2.94 -22.88
CA LEU C 48 -35.21 -2.43 -23.90
C LEU C 48 -35.15 -0.91 -24.05
N TYR C 49 -35.02 -0.18 -22.95
CA TYR C 49 -35.04 1.27 -23.01
C TYR C 49 -34.35 1.85 -21.78
N PRO C 50 -33.01 1.84 -21.74
CA PRO C 50 -32.29 2.32 -20.55
C PRO C 50 -32.45 3.80 -20.29
N ASN C 51 -32.92 4.58 -21.27
CA ASN C 51 -33.13 6.00 -21.07
C ASN C 51 -34.58 6.33 -20.72
N LEU C 52 -35.45 5.33 -20.65
CA LEU C 52 -36.82 5.55 -20.17
C LEU C 52 -36.79 6.12 -18.76
N GLY C 53 -37.60 7.15 -18.54
CA GLY C 53 -37.66 7.84 -17.27
C GLY C 53 -38.67 7.20 -16.32
N PHE C 54 -39.02 7.97 -15.29
CA PHE C 54 -39.87 7.46 -14.22
C PHE C 54 -41.11 8.32 -14.00
N SER C 55 -41.48 9.12 -15.00
CA SER C 55 -42.79 9.76 -14.97
C SER C 55 -43.89 8.70 -14.96
N GLU C 56 -45.09 9.13 -14.55
CA GLU C 56 -46.24 8.23 -14.52
C GLU C 56 -46.48 7.62 -15.90
N GLU C 57 -46.34 8.42 -16.96
CA GLU C 57 -46.55 7.92 -18.32
C GLU C 57 -45.52 6.87 -18.71
N GLU C 58 -44.24 7.12 -18.39
CA GLU C 58 -43.18 6.20 -18.79
C GLU C 58 -43.26 4.89 -18.03
N ARG C 59 -43.51 4.94 -16.72
CA ARG C 59 -43.68 3.71 -15.95
C ARG C 59 -44.84 2.89 -16.47
N TRP C 60 -45.90 3.57 -16.89
CA TRP C 60 -47.12 2.88 -17.32
C TRP C 60 -46.90 2.20 -18.67
N MET C 61 -46.18 2.84 -19.58
CA MET C 61 -45.80 2.19 -20.82
C MET C 61 -44.91 0.97 -20.55
N HIS C 62 -43.97 1.11 -19.62
CA HIS C 62 -43.06 -0.01 -19.23
C HIS C 62 -43.88 -1.16 -18.61
N ASN C 63 -44.80 -0.86 -17.72
CA ASN C 63 -45.63 -1.91 -17.09
C ASN C 63 -46.45 -2.64 -18.16
N ARG C 64 -46.97 -1.91 -19.15
CA ARG C 64 -47.75 -2.53 -20.24
C ARG C 64 -46.88 -3.51 -21.05
N VAL C 65 -45.62 -3.20 -21.28
CA VAL C 65 -44.72 -4.14 -22.00
C VAL C 65 -44.56 -5.41 -21.14
N VAL C 66 -44.37 -5.21 -19.85
CA VAL C 66 -44.15 -6.38 -18.94
C VAL C 66 -45.43 -7.22 -18.88
N VAL C 67 -46.57 -6.60 -18.70
CA VAL C 67 -47.83 -7.34 -18.64
C VAL C 67 -48.03 -8.17 -19.90
N GLU C 68 -47.76 -7.56 -21.07
CA GLU C 68 -47.94 -8.28 -22.33
C GLU C 68 -46.95 -9.42 -22.47
N MET C 69 -45.69 -9.20 -22.08
CA MET C 69 -44.70 -10.28 -22.13
C MET C 69 -45.13 -11.43 -21.23
N ALA C 70 -45.56 -11.12 -20.01
CA ALA C 70 -46.01 -12.17 -19.09
C ALA C 70 -47.28 -12.84 -19.60
N ARG C 71 -48.17 -12.06 -20.23
CA ARG C 71 -49.41 -12.63 -20.74
C ARG C 71 -49.13 -13.63 -21.85
N ARG C 72 -48.28 -13.27 -22.80
CA ARG C 72 -47.96 -14.19 -23.90
C ARG C 72 -47.23 -15.43 -23.40
N LEU C 73 -46.30 -15.25 -22.45
CA LEU C 73 -45.55 -16.39 -21.95
C LEU C 73 -46.44 -17.33 -21.16
N SER C 74 -47.23 -16.80 -20.22
CA SER C 74 -48.01 -17.65 -19.32
C SER C 74 -49.13 -18.37 -20.06
N ARG C 75 -49.72 -17.76 -21.08
CA ARG C 75 -50.77 -18.45 -21.82
C ARG C 75 -50.21 -19.55 -22.72
N ASN C 76 -48.90 -19.76 -22.70
CA ASN C 76 -48.24 -20.77 -23.52
C ASN C 76 -47.58 -21.83 -22.66
N GLY C 77 -47.92 -21.88 -21.37
CA GLY C 77 -47.41 -22.88 -20.47
C GLY C 77 -46.16 -22.52 -19.71
N ILE C 78 -45.70 -21.28 -19.77
CA ILE C 78 -44.47 -20.85 -19.13
C ILE C 78 -44.81 -20.09 -17.87
N ILE C 79 -44.28 -20.55 -16.73
CA ILE C 79 -44.41 -19.80 -15.49
C ILE C 79 -43.61 -18.51 -15.60
N THR C 80 -44.25 -17.40 -15.28
CA THR C 80 -43.62 -16.09 -15.40
C THR C 80 -43.59 -15.43 -14.03
N ILE C 81 -42.40 -14.99 -13.62
CA ILE C 81 -42.22 -14.30 -12.35
C ILE C 81 -41.84 -12.87 -12.65
N VAL C 82 -42.63 -11.92 -12.16
CA VAL C 82 -42.44 -10.50 -12.42
C VAL C 82 -41.97 -9.85 -11.14
N SER C 83 -40.91 -9.05 -11.23
CA SER C 83 -40.35 -8.29 -10.13
CA SER C 83 -40.41 -8.27 -10.09
C SER C 83 -40.35 -6.82 -10.56
N VAL C 84 -41.46 -6.12 -10.36
CA VAL C 84 -41.64 -4.77 -10.86
C VAL C 84 -42.28 -3.92 -9.75
N VAL C 85 -41.82 -2.68 -9.60
CA VAL C 85 -42.38 -1.81 -8.57
C VAL C 85 -43.89 -1.71 -8.72
N SER C 86 -44.37 -1.42 -9.94
CA SER C 86 -45.78 -1.30 -10.30
C SER C 86 -46.57 -0.61 -9.19
N PRO C 87 -46.43 0.71 -9.04
CA PRO C 87 -46.82 1.36 -7.79
C PRO C 87 -48.32 1.63 -7.62
N TYR C 88 -49.14 1.44 -8.64
CA TYR C 88 -50.54 1.82 -8.60
C TYR C 88 -51.46 0.62 -8.62
N ARG C 89 -52.51 0.68 -7.78
CA ARG C 89 -53.49 -0.40 -7.75
C ARG C 89 -54.09 -0.63 -9.14
N ALA C 90 -54.37 0.46 -9.86
CA ALA C 90 -55.03 0.33 -11.17
C ALA C 90 -54.18 -0.46 -12.16
N TRP C 91 -52.86 -0.27 -12.13
CA TRP C 91 -52.00 -1.01 -13.05
C TRP C 91 -52.00 -2.51 -12.73
N ARG C 92 -52.06 -2.85 -11.44
CA ARG C 92 -52.03 -4.26 -11.07
C ARG C 92 -53.38 -4.94 -11.29
N GLU C 93 -54.49 -4.19 -11.25
CA GLU C 93 -55.77 -4.76 -11.65
C GLU C 93 -55.85 -4.93 -13.17
N TYR C 94 -55.23 -4.01 -13.93
CA TYR C 94 -55.09 -4.21 -15.37
C TYR C 94 -54.34 -5.49 -15.68
N ALA C 95 -53.21 -5.71 -15.00
CA ALA C 95 -52.45 -6.94 -15.17
C ALA C 95 -53.30 -8.16 -14.81
N ARG C 96 -54.02 -8.08 -13.69
CA ARG C 96 -54.88 -9.18 -13.27
C ARG C 96 -55.97 -9.46 -14.29
N LYS C 97 -56.43 -8.42 -14.99
CA LYS C 97 -57.39 -8.61 -16.07
C LYS C 97 -56.75 -9.24 -17.30
N GLU C 98 -55.48 -8.91 -17.57
CA GLU C 98 -54.79 -9.43 -18.75
C GLU C 98 -54.26 -10.85 -18.56
N ILE C 99 -54.05 -11.27 -17.32
CA ILE C 99 -53.43 -12.56 -17.01
C ILE C 99 -54.44 -13.38 -16.22
N GLU C 100 -54.74 -14.58 -16.72
CA GLU C 100 -55.82 -15.37 -16.13
C GLU C 100 -55.44 -15.84 -14.73
N LYS C 101 -54.33 -16.57 -14.62
CA LYS C 101 -53.87 -17.11 -13.33
C LYS C 101 -52.81 -16.16 -12.76
N PHE C 102 -53.27 -15.20 -11.95
CA PHE C 102 -52.48 -14.08 -11.49
C PHE C 102 -52.29 -14.19 -9.98
N VAL C 103 -51.03 -14.26 -9.54
CA VAL C 103 -50.70 -14.42 -8.13
C VAL C 103 -49.93 -13.18 -7.68
N GLU C 104 -50.62 -12.25 -7.05
CA GLU C 104 -50.01 -11.00 -6.60
C GLU C 104 -49.29 -11.21 -5.28
N VAL C 105 -48.02 -10.80 -5.22
CA VAL C 105 -47.17 -11.00 -4.06
C VAL C 105 -46.64 -9.65 -3.60
N TYR C 106 -46.81 -9.34 -2.32
CA TYR C 106 -46.42 -8.05 -1.77
C TYR C 106 -45.39 -8.23 -0.67
N PRO C 107 -44.12 -7.92 -0.91
CA PRO C 107 -43.13 -7.89 0.19
C PRO C 107 -43.28 -6.60 0.99
N ARG C 108 -43.78 -6.74 2.22
CA ARG C 108 -43.94 -5.60 3.12
C ARG C 108 -42.67 -5.42 3.94
N CYS C 109 -42.15 -4.20 3.95
CA CYS C 109 -40.91 -3.91 4.67
C CYS C 109 -40.89 -2.45 5.08
N PRO C 110 -40.65 -2.15 6.35
CA PRO C 110 -40.67 -0.75 6.80
C PRO C 110 -39.56 0.08 6.16
N LEU C 111 -39.87 1.37 5.98
CA LEU C 111 -38.93 2.32 5.40
C LEU C 111 -37.55 2.25 6.04
N GLU C 112 -37.51 2.20 7.38
CA GLU C 112 -36.24 2.21 8.08
C GLU C 112 -35.38 1.00 7.70
N VAL C 113 -36.01 -0.15 7.46
CA VAL C 113 -35.24 -1.32 7.03
C VAL C 113 -34.87 -1.20 5.56
N ARG C 114 -35.81 -0.69 4.73
CA ARG C 114 -35.54 -0.57 3.31
C ARG C 114 -34.34 0.32 3.01
N MET C 115 -34.17 1.41 3.78
CA MET C 115 -33.05 2.30 3.53
C MET C 115 -31.72 1.64 3.84
N LYS C 116 -31.71 0.66 4.74
CA LYS C 116 -30.50 -0.05 5.08
CA LYS C 116 -30.51 -0.07 5.10
C LYS C 116 -30.37 -1.38 4.33
N ARG C 117 -31.22 -1.60 3.32
CA ARG C 117 -31.18 -2.77 2.46
C ARG C 117 -31.11 -2.33 1.01
N ASP C 118 -30.12 -1.50 0.67
CA ASP C 118 -30.16 -0.73 -0.58
C ASP C 118 -28.82 -0.82 -1.29
N PRO C 119 -28.40 -2.04 -1.73
CA PRO C 119 -27.06 -2.18 -2.34
C PRO C 119 -26.84 -1.26 -3.54
N LYS C 120 -27.91 -0.83 -4.18
CA LYS C 120 -27.78 0.06 -5.34
C LYS C 120 -27.69 1.53 -4.96
N GLY C 121 -28.01 1.90 -3.72
CA GLY C 121 -27.87 3.28 -3.30
C GLY C 121 -28.91 4.23 -3.83
N LEU C 122 -30.15 3.75 -4.03
CA LEU C 122 -31.20 4.61 -4.58
C LEU C 122 -31.72 5.59 -3.53
N TYR C 123 -31.93 5.13 -2.29
CA TYR C 123 -32.40 6.03 -1.24
C TYR C 123 -31.39 7.12 -0.94
N SER C 124 -30.10 6.78 -0.96
CA SER C 124 -29.08 7.80 -0.76
C SER C 124 -29.01 8.74 -1.96
N LYS C 125 -29.11 8.21 -3.18
CA LYS C 125 -29.19 9.07 -4.35
C LYS C 125 -30.39 10.01 -4.25
N ALA C 126 -31.53 9.49 -3.79
CA ALA C 126 -32.73 10.31 -3.65
C ALA C 126 -32.52 11.40 -2.61
N LEU C 127 -32.05 11.02 -1.42
CA LEU C 127 -31.87 11.99 -0.34
C LEU C 127 -30.87 13.07 -0.72
N ARG C 128 -29.94 12.78 -1.63
CA ARG C 128 -29.06 13.80 -2.20
C ARG C 128 -29.68 14.55 -3.37
N GLY C 129 -30.92 14.21 -3.74
CA GLY C 129 -31.58 14.92 -4.82
C GLY C 129 -31.08 14.59 -6.20
N GLU C 130 -30.42 13.45 -6.39
CA GLU C 130 -29.96 13.04 -7.71
C GLU C 130 -31.04 12.33 -8.51
N ILE C 131 -32.01 11.70 -7.85
CA ILE C 131 -33.23 11.22 -8.47
C ILE C 131 -34.41 11.75 -7.67
N LYS C 132 -35.57 11.76 -8.31
CA LYS C 132 -36.77 12.35 -7.75
C LYS C 132 -37.90 11.33 -7.77
N GLY C 133 -38.71 11.32 -6.72
CA GLY C 133 -39.86 10.44 -6.66
C GLY C 133 -39.55 8.96 -6.63
N LEU C 134 -38.48 8.59 -5.91
CA LEU C 134 -38.20 7.18 -5.67
C LEU C 134 -39.36 6.53 -4.94
N THR C 135 -39.92 5.48 -5.55
CA THR C 135 -41.00 4.75 -4.91
C THR C 135 -40.51 4.11 -3.62
N GLY C 136 -41.17 4.46 -2.51
CA GLY C 136 -40.75 4.06 -1.19
C GLY C 136 -40.18 5.20 -0.37
N LEU C 137 -39.83 6.33 -1.01
CA LEU C 137 -39.38 7.50 -0.30
C LEU C 137 -40.41 8.59 -0.51
N ASP C 138 -40.27 9.44 -1.52
CA ASP C 138 -41.33 10.39 -1.87
C ASP C 138 -42.20 9.92 -3.02
N GLY C 139 -41.70 9.00 -3.84
CA GLY C 139 -42.54 8.36 -4.84
C GLY C 139 -43.63 7.56 -4.18
N GLU C 140 -44.88 7.86 -4.51
CA GLU C 140 -46.00 7.20 -3.87
CA GLU C 140 -46.03 7.20 -3.90
C GLU C 140 -46.08 5.72 -4.25
N TYR C 141 -46.58 4.92 -3.31
CA TYR C 141 -46.82 3.50 -3.53
C TYR C 141 -48.16 3.11 -2.92
N GLU C 142 -49.01 2.47 -3.72
CA GLU C 142 -50.33 2.04 -3.29
C GLU C 142 -50.26 0.56 -2.91
N GLU C 143 -50.46 0.30 -1.62
CA GLU C 143 -50.39 -1.07 -1.11
C GLU C 143 -51.55 -1.89 -1.66
N PRO C 144 -51.30 -3.13 -2.08
CA PRO C 144 -52.42 -4.01 -2.46
C PRO C 144 -53.36 -4.19 -1.27
N GLU C 145 -54.66 -4.08 -1.54
CA GLU C 145 -55.64 -4.24 -0.46
C GLU C 145 -55.87 -5.70 -0.11
N ASN C 146 -55.80 -6.60 -1.09
CA ASN C 146 -56.11 -8.01 -0.87
C ASN C 146 -55.27 -8.87 -1.82
N PRO C 147 -53.96 -8.94 -1.59
CA PRO C 147 -53.11 -9.73 -2.48
C PRO C 147 -53.08 -11.20 -2.08
N GLU C 148 -52.73 -12.04 -3.05
CA GLU C 148 -52.68 -13.48 -2.80
C GLU C 148 -51.67 -13.83 -1.71
N VAL C 149 -50.56 -13.10 -1.62
CA VAL C 149 -49.51 -13.38 -0.65
C VAL C 149 -48.93 -12.05 -0.15
N VAL C 150 -48.86 -11.90 1.17
CA VAL C 150 -48.07 -10.85 1.81
C VAL C 150 -46.99 -11.53 2.64
N VAL C 151 -45.75 -11.08 2.47
CA VAL C 151 -44.63 -11.53 3.29
C VAL C 151 -43.98 -10.31 3.89
N ASP C 152 -43.51 -10.45 5.13
CA ASP C 152 -42.82 -9.37 5.83
C ASP C 152 -41.33 -9.66 5.78
N THR C 153 -40.63 -8.99 4.85
CA THR C 153 -39.23 -9.30 4.60
C THR C 153 -38.30 -8.81 5.69
N ASP C 154 -38.76 -7.92 6.58
CA ASP C 154 -37.99 -7.60 7.76
C ASP C 154 -38.11 -8.67 8.83
N LYS C 155 -39.10 -9.56 8.72
CA LYS C 155 -39.37 -10.58 9.72
C LYS C 155 -39.23 -12.01 9.23
N MET C 156 -39.16 -12.25 7.92
CA MET C 156 -39.04 -13.59 7.40
C MET C 156 -37.75 -13.73 6.60
N THR C 157 -37.20 -14.93 6.61
CA THR C 157 -36.06 -15.27 5.78
C THR C 157 -36.51 -15.45 4.33
N VAL C 158 -35.55 -15.49 3.41
CA VAL C 158 -35.90 -15.65 2.01
C VAL C 158 -36.52 -17.02 1.76
N GLU C 159 -36.01 -18.07 2.42
CA GLU C 159 -36.63 -19.38 2.29
C GLU C 159 -38.06 -19.38 2.79
N GLU C 160 -38.34 -18.67 3.89
CA GLU C 160 -39.70 -18.61 4.41
C GLU C 160 -40.64 -17.87 3.47
N GLU C 161 -40.13 -16.84 2.78
CA GLU C 161 -40.93 -16.18 1.76
C GLU C 161 -41.25 -17.14 0.61
N VAL C 162 -40.28 -17.93 0.19
CA VAL C 162 -40.49 -18.85 -0.92
C VAL C 162 -41.52 -19.92 -0.53
N GLU C 163 -41.36 -20.52 0.65
CA GLU C 163 -42.30 -21.56 1.07
C GLU C 163 -43.70 -21.00 1.24
N ALA C 164 -43.83 -19.74 1.67
CA ALA C 164 -45.14 -19.11 1.75
C ALA C 164 -45.78 -19.00 0.37
N VAL C 165 -45.00 -18.57 -0.62
CA VAL C 165 -45.53 -18.44 -1.98
C VAL C 165 -45.93 -19.80 -2.54
N LEU C 166 -45.06 -20.80 -2.38
CA LEU C 166 -45.40 -22.13 -2.87
C LEU C 166 -46.65 -22.66 -2.18
N LYS C 167 -46.79 -22.40 -0.88
CA LYS C 167 -47.98 -22.86 -0.15
C LYS C 167 -49.24 -22.32 -0.78
N LYS C 168 -49.28 -21.01 -1.05
CA LYS C 168 -50.45 -20.41 -1.69
C LYS C 168 -50.65 -20.95 -3.10
N LEU C 169 -49.57 -21.16 -3.84
CA LEU C 169 -49.69 -21.73 -5.18
C LEU C 169 -50.31 -23.12 -5.13
N MET C 170 -49.93 -23.94 -4.15
CA MET C 170 -50.53 -25.26 -4.02
C MET C 170 -51.99 -25.16 -3.62
N GLU C 171 -52.33 -24.22 -2.74
CA GLU C 171 -53.72 -24.07 -2.32
C GLU C 171 -54.63 -23.65 -3.46
N LEU C 172 -54.13 -22.85 -4.41
CA LEU C 172 -54.91 -22.46 -5.57
C LEU C 172 -54.96 -23.53 -6.65
N GLY C 173 -54.20 -24.61 -6.50
CA GLY C 173 -54.17 -25.65 -7.50
C GLY C 173 -53.30 -25.35 -8.71
N TYR C 174 -52.50 -24.27 -8.65
CA TYR C 174 -51.61 -23.94 -9.76
C TYR C 174 -50.38 -24.85 -9.80
N LEU C 175 -49.94 -25.33 -8.64
CA LEU C 175 -48.86 -26.31 -8.57
C LEU C 175 -49.41 -27.65 -8.08
N SER D 3 48.53 19.28 34.07
CA SER D 3 47.93 19.40 32.74
C SER D 3 47.93 18.06 32.02
N MET D 4 48.52 17.04 32.64
CA MET D 4 48.48 15.68 32.10
C MET D 4 47.13 15.06 32.44
N SER D 5 46.26 14.94 31.45
CA SER D 5 45.00 14.23 31.61
C SER D 5 45.21 12.76 31.23
N PHE D 6 44.10 12.02 31.06
CA PHE D 6 44.20 10.58 30.86
C PHE D 6 43.48 10.17 29.58
N VAL D 7 43.76 8.95 29.15
CA VAL D 7 43.10 8.34 28.00
C VAL D 7 42.40 7.09 28.48
N ILE D 8 41.11 6.96 28.14
CA ILE D 8 40.40 5.69 28.28
C ILE D 8 40.52 4.96 26.95
N TRP D 9 41.19 3.83 26.96
CA TRP D 9 41.41 3.03 25.76
C TRP D 9 40.52 1.80 25.83
N ILE D 10 39.42 1.83 25.08
CA ILE D 10 38.45 0.73 25.06
C ILE D 10 38.80 -0.16 23.88
N THR D 11 39.19 -1.40 24.18
CA THR D 11 39.61 -2.38 23.19
C THR D 11 38.68 -3.59 23.23
N GLY D 12 38.50 -4.24 22.08
CA GLY D 12 37.67 -5.41 22.01
C GLY D 12 37.26 -5.77 20.60
N PRO D 13 36.76 -6.99 20.42
CA PRO D 13 36.34 -7.43 19.09
C PRO D 13 35.08 -6.70 18.64
N SER D 14 34.73 -6.92 17.39
CA SER D 14 33.57 -6.25 16.79
C SER D 14 32.29 -6.65 17.53
N GLY D 15 31.50 -5.65 17.90
CA GLY D 15 30.24 -5.88 18.57
C GLY D 15 30.31 -6.02 20.07
N ALA D 16 31.48 -5.77 20.67
CA ALA D 16 31.64 -5.87 22.11
C ALA D 16 31.00 -4.72 22.87
N GLY D 17 30.65 -3.62 22.20
CA GLY D 17 30.06 -2.47 22.86
C GLY D 17 30.99 -1.31 23.08
N LYS D 18 32.07 -1.21 22.32
CA LYS D 18 33.10 -0.20 22.53
C LYS D 18 32.55 1.21 22.32
N THR D 19 31.99 1.47 21.13
CA THR D 19 31.51 2.80 20.80
C THR D 19 30.35 3.22 21.71
N THR D 20 29.46 2.27 22.02
CA THR D 20 28.36 2.56 22.94
C THR D 20 28.87 3.02 24.29
N LEU D 21 29.85 2.30 24.84
CA LEU D 21 30.44 2.70 26.12
C LEU D 21 31.16 4.04 26.01
N ALA D 22 31.87 4.27 24.91
CA ALA D 22 32.59 5.53 24.74
C ALA D 22 31.63 6.70 24.69
N ASN D 23 30.52 6.56 23.95
CA ASN D 23 29.54 7.63 23.87
C ASN D 23 28.92 7.92 25.24
N ALA D 24 28.62 6.87 26.01
CA ALA D 24 28.04 7.07 27.33
C ALA D 24 29.04 7.70 28.30
N LEU D 25 30.30 7.27 28.23
CA LEU D 25 31.34 7.91 29.04
C LEU D 25 31.55 9.35 28.62
N TYR D 26 31.40 9.65 27.34
CA TYR D 26 31.56 11.03 26.86
C TYR D 26 30.47 11.93 27.41
N LYS D 27 29.20 11.51 27.30
CA LYS D 27 28.11 12.32 27.82
C LYS D 27 28.23 12.52 29.32
N LYS D 28 28.62 11.48 30.05
CA LYS D 28 28.70 11.57 31.51
C LYS D 28 29.81 12.54 31.93
N LEU D 29 31.00 12.39 31.32
CA LEU D 29 32.13 13.23 31.71
C LEU D 29 31.92 14.68 31.30
N GLU D 30 31.28 14.90 30.15
CA GLU D 30 31.02 16.28 29.73
C GLU D 30 29.95 16.93 30.59
N SER D 31 29.01 16.14 31.12
CA SER D 31 28.00 16.70 32.01
C SER D 31 28.58 17.03 33.38
N MET D 32 29.73 16.46 33.74
CA MET D 32 30.46 16.90 34.91
C MET D 32 31.37 18.10 34.64
N GLY D 33 31.34 18.65 33.43
CA GLY D 33 32.09 19.85 33.12
C GLY D 33 33.47 19.64 32.56
N TYR D 34 33.76 18.47 31.99
CA TYR D 34 35.09 18.15 31.51
C TYR D 34 35.21 18.35 30.00
N ARG D 35 36.43 18.68 29.56
CA ARG D 35 36.77 18.69 28.14
C ARG D 35 37.08 17.27 27.72
N VAL D 36 36.37 16.76 26.72
CA VAL D 36 36.53 15.38 26.28
C VAL D 36 36.59 15.34 24.75
N GLU D 37 37.50 14.51 24.23
CA GLU D 37 37.57 14.17 22.82
C GLU D 37 37.38 12.66 22.67
N LEU D 38 36.73 12.24 21.59
CA LEU D 38 36.45 10.83 21.36
C LEU D 38 37.06 10.40 20.05
N LEU D 39 37.85 9.33 20.10
CA LEU D 39 38.57 8.80 18.93
C LEU D 39 38.04 7.40 18.66
N ASP D 40 37.08 7.28 17.74
CA ASP D 40 36.48 6.00 17.41
C ASP D 40 37.10 5.47 16.13
N GLY D 41 37.54 4.20 16.17
CA GLY D 41 38.25 3.63 15.03
C GLY D 41 37.51 3.76 13.72
N ASP D 42 36.20 3.47 13.73
CA ASP D 42 35.42 3.55 12.49
C ASP D 42 35.26 5.00 12.04
N GLY D 43 34.90 5.90 12.97
CA GLY D 43 34.76 7.30 12.61
C GLY D 43 36.06 7.91 12.12
N VAL D 44 37.18 7.56 12.76
CA VAL D 44 38.47 8.08 12.34
C VAL D 44 38.84 7.56 10.95
N ARG D 45 38.59 6.28 10.69
CA ARG D 45 38.90 5.73 9.36
C ARG D 45 38.09 6.42 8.28
N ARG D 46 36.82 6.68 8.53
CA ARG D 46 35.96 7.22 7.47
C ARG D 46 36.35 8.65 7.12
N LYS D 47 36.84 9.42 8.09
CA LYS D 47 37.30 10.78 7.79
C LYS D 47 38.71 10.81 7.23
N LEU D 48 39.62 9.99 7.78
CA LEU D 48 41.02 10.11 7.40
C LEU D 48 41.45 9.18 6.27
N TYR D 49 40.92 7.97 6.22
CA TYR D 49 41.36 7.07 5.15
C TYR D 49 40.33 5.98 4.94
N PRO D 50 39.20 6.31 4.30
CA PRO D 50 38.11 5.33 4.19
C PRO D 50 38.45 4.14 3.32
N ASN D 51 39.54 4.18 2.57
CA ASN D 51 39.97 3.06 1.74
C ASN D 51 41.05 2.22 2.41
N LEU D 52 41.46 2.58 3.62
CA LEU D 52 42.42 1.77 4.35
C LEU D 52 41.81 0.41 4.68
N GLY D 53 42.60 -0.64 4.51
CA GLY D 53 42.14 -2.00 4.71
C GLY D 53 42.36 -2.49 6.13
N PHE D 54 42.34 -3.81 6.28
CA PHE D 54 42.45 -4.41 7.61
C PHE D 54 43.54 -5.47 7.67
N SER D 55 44.53 -5.39 6.78
CA SER D 55 45.77 -6.11 6.98
C SER D 55 46.42 -5.64 8.28
N GLU D 56 47.26 -6.51 8.84
CA GLU D 56 47.98 -6.18 10.07
C GLU D 56 48.72 -4.86 9.94
N GLU D 57 49.36 -4.63 8.80
CA GLU D 57 50.13 -3.41 8.59
C GLU D 57 49.23 -2.17 8.60
N GLU D 58 48.10 -2.25 7.90
CA GLU D 58 47.20 -1.09 7.81
C GLU D 58 46.60 -0.75 9.17
N ARG D 59 46.14 -1.76 9.93
CA ARG D 59 45.59 -1.48 11.26
C ARG D 59 46.64 -0.90 12.19
N TRP D 60 47.88 -1.37 12.10
CA TRP D 60 48.94 -0.87 12.97
C TRP D 60 49.22 0.61 12.72
N MET D 61 49.20 1.02 11.45
CA MET D 61 49.42 2.42 11.13
C MET D 61 48.25 3.29 11.60
N HIS D 62 47.02 2.83 11.36
CA HIS D 62 45.85 3.49 11.92
C HIS D 62 45.93 3.59 13.43
N ASN D 63 46.40 2.51 14.09
CA ASN D 63 46.51 2.54 15.55
C ASN D 63 47.58 3.53 16.01
N ARG D 64 48.68 3.65 15.25
CA ARG D 64 49.70 4.64 15.59
C ARG D 64 49.16 6.06 15.48
N VAL D 65 48.31 6.30 14.49
CA VAL D 65 47.68 7.61 14.32
C VAL D 65 46.80 7.93 15.51
N VAL D 66 45.96 6.97 15.92
CA VAL D 66 45.06 7.19 17.06
C VAL D 66 45.86 7.42 18.33
N VAL D 67 46.89 6.60 18.56
CA VAL D 67 47.73 6.75 19.75
C VAL D 67 48.32 8.14 19.81
N GLU D 68 48.88 8.61 18.68
CA GLU D 68 49.53 9.93 18.66
C GLU D 68 48.52 11.05 18.91
N MET D 69 47.32 10.94 18.32
CA MET D 69 46.27 11.93 18.60
C MET D 69 45.92 11.96 20.07
N ALA D 70 45.79 10.78 20.68
CA ALA D 70 45.46 10.73 22.11
C ALA D 70 46.61 11.21 22.98
N ARG D 71 47.85 10.88 22.59
CA ARG D 71 49.00 11.36 23.35
C ARG D 71 49.07 12.88 23.34
N ARG D 72 48.85 13.50 22.20
CA ARG D 72 48.95 14.92 22.11
C ARG D 72 47.78 15.66 22.83
N LEU D 73 46.59 15.09 22.75
CA LEU D 73 45.46 15.69 23.42
C LEU D 73 45.55 15.50 24.94
N SER D 74 45.89 14.30 25.39
CA SER D 74 45.97 13.98 26.81
C SER D 74 46.99 14.83 27.55
N ARG D 75 48.11 15.08 26.92
CA ARG D 75 49.15 15.88 27.54
C ARG D 75 48.84 17.36 27.57
N ASN D 76 47.70 17.75 27.03
CA ASN D 76 47.28 19.15 27.06
C ASN D 76 46.02 19.32 27.90
N GLY D 77 45.77 18.40 28.81
CA GLY D 77 44.61 18.47 29.69
C GLY D 77 43.29 17.97 29.15
N ILE D 78 43.32 17.34 27.99
CA ILE D 78 42.08 16.91 27.35
C ILE D 78 41.83 15.43 27.52
N ILE D 79 40.79 15.07 28.26
CA ILE D 79 40.44 13.66 28.37
C ILE D 79 40.10 13.13 26.99
N THR D 80 40.66 11.96 26.65
CA THR D 80 40.43 11.36 25.35
C THR D 80 39.92 9.94 25.54
N ILE D 81 38.83 9.61 24.86
CA ILE D 81 38.20 8.31 24.95
C ILE D 81 38.36 7.63 23.59
N VAL D 82 39.13 6.54 23.56
CA VAL D 82 39.43 5.81 22.34
C VAL D 82 38.54 4.56 22.30
N SER D 83 37.91 4.33 21.16
CA SER D 83 37.08 3.14 20.91
CA SER D 83 37.10 3.13 20.92
C SER D 83 37.57 2.52 19.60
N VAL D 84 38.60 1.67 19.69
CA VAL D 84 39.16 1.01 18.52
C VAL D 84 39.42 -0.45 18.86
N VAL D 85 39.33 -1.30 17.83
CA VAL D 85 39.48 -2.73 18.04
C VAL D 85 40.84 -3.04 18.68
N SER D 86 41.92 -2.47 18.12
CA SER D 86 43.32 -2.65 18.55
C SER D 86 43.57 -4.08 19.03
N PRO D 87 43.66 -5.05 18.11
CA PRO D 87 43.52 -6.45 18.48
C PRO D 87 44.75 -7.11 19.10
N TYR D 88 45.90 -6.45 19.17
CA TYR D 88 47.13 -7.09 19.63
C TYR D 88 47.64 -6.42 20.90
N ARG D 89 48.10 -7.25 21.85
CA ARG D 89 48.58 -6.72 23.13
C ARG D 89 49.74 -5.77 22.93
N ALA D 90 50.63 -6.07 21.98
CA ALA D 90 51.79 -5.23 21.75
C ALA D 90 51.38 -3.82 21.37
N TRP D 91 50.31 -3.69 20.59
CA TRP D 91 49.85 -2.36 20.18
C TRP D 91 49.31 -1.58 21.37
N ARG D 92 48.58 -2.26 22.25
CA ARG D 92 48.09 -1.59 23.46
C ARG D 92 49.21 -1.39 24.48
N GLU D 93 50.22 -2.26 24.46
CA GLU D 93 51.41 -2.00 25.27
CA GLU D 93 51.44 -2.02 25.23
C GLU D 93 52.14 -0.76 24.77
N TYR D 94 52.25 -0.62 23.44
CA TYR D 94 52.86 0.57 22.84
C TYR D 94 52.08 1.83 23.20
N ALA D 95 50.75 1.78 23.08
CA ALA D 95 49.93 2.91 23.48
C ALA D 95 50.18 3.28 24.94
N ARG D 96 50.41 2.28 25.80
CA ARG D 96 50.59 2.53 27.22
C ARG D 96 51.91 3.23 27.52
N LYS D 97 52.96 2.96 26.75
CA LYS D 97 54.20 3.71 26.94
C LYS D 97 54.14 5.09 26.28
N GLU D 98 53.29 5.26 25.28
CA GLU D 98 53.13 6.57 24.65
C GLU D 98 52.24 7.49 25.46
N ILE D 99 51.35 6.93 26.28
CA ILE D 99 50.37 7.70 27.04
C ILE D 99 50.61 7.45 28.51
N GLU D 100 50.87 8.53 29.27
CA GLU D 100 51.27 8.37 30.67
C GLU D 100 50.13 7.79 31.51
N LYS D 101 48.98 8.47 31.54
CA LYS D 101 47.84 8.05 32.37
C LYS D 101 46.88 7.25 31.49
N PHE D 102 47.10 5.94 31.44
CA PHE D 102 46.48 5.05 30.46
C PHE D 102 45.52 4.10 31.17
N VAL D 103 44.24 4.13 30.77
CA VAL D 103 43.20 3.34 31.41
C VAL D 103 42.65 2.37 30.37
N GLU D 104 43.15 1.14 30.38
CA GLU D 104 42.71 0.12 29.44
C GLU D 104 41.41 -0.50 29.91
N VAL D 105 40.40 -0.54 29.03
CA VAL D 105 39.06 -1.00 29.36
C VAL D 105 38.67 -2.08 28.36
N TYR D 106 38.22 -3.23 28.86
CA TYR D 106 37.92 -4.39 28.03
C TYR D 106 36.47 -4.82 28.20
N PRO D 107 35.60 -4.51 27.24
CA PRO D 107 34.24 -5.09 27.27
C PRO D 107 34.22 -6.54 26.81
N ARG D 108 34.09 -7.47 27.75
CA ARG D 108 33.92 -8.89 27.39
C ARG D 108 32.49 -9.18 26.98
N CYS D 109 32.35 -9.99 25.95
CA CYS D 109 31.05 -10.41 25.46
C CYS D 109 31.21 -11.66 24.60
N PRO D 110 30.44 -12.72 24.87
CA PRO D 110 30.60 -13.95 24.10
C PRO D 110 30.20 -13.77 22.65
N LEU D 111 30.79 -14.61 21.79
CA LEU D 111 30.53 -14.53 20.36
C LEU D 111 29.05 -14.67 20.05
N GLU D 112 28.36 -15.58 20.74
CA GLU D 112 26.94 -15.80 20.48
C GLU D 112 26.14 -14.51 20.69
N VAL D 113 26.51 -13.72 21.69
CA VAL D 113 25.83 -12.45 21.92
C VAL D 113 26.30 -11.40 20.92
N ARG D 114 27.59 -11.42 20.56
CA ARG D 114 28.11 -10.39 19.66
C ARG D 114 27.44 -10.45 18.30
N MET D 115 27.18 -11.67 17.78
CA MET D 115 26.51 -11.76 16.49
C MET D 115 25.05 -11.29 16.55
N LYS D 116 24.45 -11.24 17.73
CA LYS D 116 23.11 -10.70 17.89
C LYS D 116 23.13 -9.22 18.27
N ARG D 117 24.30 -8.58 18.27
CA ARG D 117 24.45 -7.17 18.57
C ARG D 117 25.24 -6.48 17.47
N ASP D 118 24.79 -6.67 16.23
CA ASP D 118 25.57 -6.29 15.04
C ASP D 118 24.70 -5.43 14.13
N PRO D 119 24.37 -4.21 14.57
CA PRO D 119 23.50 -3.36 13.75
C PRO D 119 24.13 -2.94 12.43
N LYS D 120 25.46 -3.05 12.32
CA LYS D 120 26.16 -2.79 11.07
C LYS D 120 26.26 -4.02 10.18
N GLY D 121 25.86 -5.19 10.67
CA GLY D 121 25.85 -6.39 9.86
C GLY D 121 27.22 -6.90 9.46
N LEU D 122 28.25 -6.63 10.26
CA LEU D 122 29.60 -7.08 9.91
C LEU D 122 29.73 -8.59 9.97
N TYR D 123 29.15 -9.22 11.00
CA TYR D 123 29.29 -10.67 11.14
C TYR D 123 28.61 -11.41 9.99
N SER D 124 27.43 -10.95 9.57
CA SER D 124 26.77 -11.56 8.43
C SER D 124 27.56 -11.34 7.14
N LYS D 125 28.13 -10.15 6.97
CA LYS D 125 28.97 -9.89 5.81
C LYS D 125 30.19 -10.78 5.81
N ALA D 126 30.74 -11.08 6.98
CA ALA D 126 31.88 -11.98 7.07
C ALA D 126 31.47 -13.41 6.70
N LEU D 127 30.34 -13.87 7.23
CA LEU D 127 29.87 -15.22 6.94
C LEU D 127 29.49 -15.38 5.48
N ARG D 128 29.07 -14.30 4.82
CA ARG D 128 28.88 -14.34 3.36
C ARG D 128 30.19 -14.13 2.62
N GLY D 129 31.31 -13.95 3.32
CA GLY D 129 32.59 -13.79 2.65
C GLY D 129 32.83 -12.45 2.00
N GLU D 130 32.01 -11.44 2.28
CA GLU D 130 32.23 -10.12 1.70
C GLU D 130 33.35 -9.36 2.41
N ILE D 131 33.63 -9.68 3.67
CA ILE D 131 34.82 -9.23 4.37
C ILE D 131 35.47 -10.45 4.99
N LYS D 132 36.76 -10.33 5.29
CA LYS D 132 37.51 -11.45 5.83
C LYS D 132 38.41 -10.98 6.98
N GLY D 133 38.61 -11.86 7.94
CA GLY D 133 39.38 -11.52 9.12
C GLY D 133 38.67 -10.56 10.03
N LEU D 134 37.35 -10.67 10.16
CA LEU D 134 36.61 -9.85 11.12
C LEU D 134 37.10 -10.16 12.52
N THR D 135 37.62 -9.15 13.20
CA THR D 135 38.06 -9.34 14.58
C THR D 135 36.88 -9.71 15.47
N GLY D 136 36.90 -10.92 16.01
CA GLY D 136 35.78 -11.48 16.75
C GLY D 136 35.20 -12.73 16.12
N LEU D 137 35.39 -12.92 14.82
CA LEU D 137 34.96 -14.14 14.15
C LEU D 137 36.20 -14.88 13.72
N ASP D 138 36.72 -14.66 12.50
CA ASP D 138 37.95 -15.27 12.05
C ASP D 138 39.17 -14.39 12.26
N GLY D 139 38.98 -13.11 12.60
CA GLY D 139 40.09 -12.24 12.94
C GLY D 139 40.53 -12.39 14.38
N GLU D 140 41.81 -12.68 14.58
CA GLU D 140 42.33 -12.93 15.91
C GLU D 140 42.13 -11.71 16.81
N TYR D 141 41.86 -11.97 18.09
CA TYR D 141 41.85 -10.91 19.10
C TYR D 141 42.57 -11.42 20.34
N GLU D 142 43.61 -10.69 20.76
CA GLU D 142 44.35 -11.03 21.98
C GLU D 142 43.74 -10.25 23.14
N GLU D 143 43.20 -10.99 24.12
CA GLU D 143 42.55 -10.35 25.26
C GLU D 143 43.59 -9.67 26.15
N PRO D 144 43.28 -8.51 26.71
CA PRO D 144 44.16 -7.93 27.74
C PRO D 144 44.29 -8.88 28.91
N GLU D 145 45.49 -8.95 29.47
CA GLU D 145 45.73 -9.86 30.59
C GLU D 145 45.53 -9.17 31.94
N ASN D 146 45.87 -7.89 32.04
CA ASN D 146 45.68 -7.13 33.27
C ASN D 146 45.17 -5.72 32.94
N PRO D 147 43.94 -5.62 32.44
CA PRO D 147 43.41 -4.29 32.11
C PRO D 147 42.88 -3.58 33.35
N GLU D 148 42.88 -2.25 33.28
CA GLU D 148 42.34 -1.45 34.38
C GLU D 148 40.89 -1.80 34.68
N VAL D 149 40.09 -2.04 33.63
CA VAL D 149 38.67 -2.36 33.78
C VAL D 149 38.31 -3.47 32.81
N VAL D 150 37.59 -4.48 33.30
CA VAL D 150 36.90 -5.44 32.47
C VAL D 150 35.42 -5.37 32.79
N VAL D 151 34.58 -5.33 31.76
CA VAL D 151 33.14 -5.30 31.92
C VAL D 151 32.53 -6.35 31.00
N ASP D 152 31.51 -7.04 31.49
CA ASP D 152 30.82 -8.08 30.72
C ASP D 152 29.54 -7.45 30.17
N THR D 153 29.59 -7.03 28.91
CA THR D 153 28.47 -6.32 28.31
C THR D 153 27.26 -7.21 28.09
N ASP D 154 27.39 -8.53 28.19
CA ASP D 154 26.23 -9.40 28.16
C ASP D 154 25.53 -9.49 29.51
N LYS D 155 26.19 -9.07 30.59
CA LYS D 155 25.59 -9.11 31.91
C LYS D 155 25.41 -7.75 32.58
N MET D 156 25.90 -6.67 31.99
CA MET D 156 25.80 -5.35 32.61
C MET D 156 25.08 -4.38 31.68
N THR D 157 24.36 -3.43 32.27
CA THR D 157 23.80 -2.33 31.50
C THR D 157 24.90 -1.32 31.17
N VAL D 158 24.63 -0.48 30.17
CA VAL D 158 25.59 0.55 29.79
C VAL D 158 25.84 1.51 30.94
N GLU D 159 24.80 1.81 31.74
CA GLU D 159 25.00 2.61 32.94
C GLU D 159 25.95 1.94 33.92
N GLU D 160 25.76 0.64 34.17
CA GLU D 160 26.63 -0.07 35.08
C GLU D 160 28.07 -0.09 34.58
N GLU D 161 28.26 -0.16 33.26
CA GLU D 161 29.62 -0.11 32.71
C GLU D 161 30.27 1.24 32.99
N VAL D 162 29.52 2.32 32.75
CA VAL D 162 30.05 3.66 32.96
C VAL D 162 30.49 3.84 34.41
N GLU D 163 29.66 3.39 35.35
CA GLU D 163 30.00 3.59 36.75
C GLU D 163 31.19 2.75 37.18
N ALA D 164 31.38 1.57 36.58
CA ALA D 164 32.58 0.79 36.84
C ALA D 164 33.83 1.53 36.38
N VAL D 165 33.74 2.23 35.24
CA VAL D 165 34.89 2.99 34.75
C VAL D 165 35.16 4.20 35.63
N LEU D 166 34.10 4.92 36.02
CA LEU D 166 34.29 6.08 36.88
C LEU D 166 34.86 5.67 38.24
N LYS D 167 34.36 4.56 38.80
CA LYS D 167 34.88 4.05 40.06
C LYS D 167 36.38 3.77 39.96
N LYS D 168 36.81 3.20 38.83
CA LYS D 168 38.24 2.94 38.64
C LYS D 168 39.01 4.23 38.45
N LEU D 169 38.42 5.22 37.77
CA LEU D 169 39.11 6.49 37.56
C LEU D 169 39.33 7.22 38.88
N MET D 170 38.36 7.15 39.79
CA MET D 170 38.55 7.79 41.09
C MET D 170 39.60 7.04 41.92
N GLU D 171 39.62 5.71 41.84
CA GLU D 171 40.58 4.94 42.62
C GLU D 171 42.01 5.18 42.15
N LEU D 172 42.21 5.50 40.87
CA LEU D 172 43.53 5.86 40.37
C LEU D 172 43.87 7.33 40.58
N GLY D 173 42.91 8.14 41.00
CA GLY D 173 43.16 9.55 41.27
C GLY D 173 43.04 10.46 40.07
N TYR D 174 42.50 9.99 38.95
CA TYR D 174 42.40 10.82 37.76
C TYR D 174 41.17 11.71 37.80
N LEU D 175 40.11 11.27 38.47
CA LEU D 175 38.93 12.09 38.74
C LEU D 175 38.84 12.43 40.22
N SER E 3 -26.06 18.39 -1.51
CA SER E 3 -27.11 18.23 -2.52
C SER E 3 -27.32 19.54 -3.28
N MET E 4 -26.26 20.03 -3.90
CA MET E 4 -26.27 21.34 -4.55
C MET E 4 -27.06 21.28 -5.86
N SER E 5 -28.05 22.15 -5.99
CA SER E 5 -28.79 22.32 -7.23
C SER E 5 -28.19 23.48 -8.02
N PHE E 6 -28.90 23.93 -9.06
CA PHE E 6 -28.35 24.92 -9.98
C PHE E 6 -29.25 26.14 -10.05
N VAL E 7 -28.72 27.17 -10.72
CA VAL E 7 -29.44 28.41 -10.96
C VAL E 7 -29.45 28.68 -12.45
N ILE E 8 -30.64 28.95 -13.00
CA ILE E 8 -30.79 29.41 -14.37
C ILE E 8 -30.94 30.92 -14.33
N TRP E 9 -29.90 31.63 -14.78
CA TRP E 9 -29.88 33.09 -14.76
C TRP E 9 -30.20 33.60 -16.17
N ILE E 10 -31.40 34.15 -16.32
CA ILE E 10 -31.89 34.64 -17.61
C ILE E 10 -31.70 36.15 -17.64
N THR E 11 -30.80 36.61 -18.51
CA THR E 11 -30.41 38.01 -18.59
C THR E 11 -30.77 38.58 -19.95
N GLY E 12 -31.02 39.89 -20.00
CA GLY E 12 -31.33 40.56 -21.24
C GLY E 12 -32.17 41.80 -21.10
N PRO E 13 -32.28 42.57 -22.19
CA PRO E 13 -33.00 43.84 -22.14
C PRO E 13 -34.50 43.65 -22.02
N SER E 14 -35.18 44.75 -21.70
CA SER E 14 -36.64 44.74 -21.56
C SER E 14 -37.29 44.18 -22.80
N GLY E 15 -37.98 43.06 -22.66
CA GLY E 15 -38.67 42.44 -23.77
C GLY E 15 -37.92 41.35 -24.48
N ALA E 16 -36.79 40.89 -23.94
CA ALA E 16 -36.11 39.74 -24.53
C ALA E 16 -36.93 38.47 -24.43
N GLY E 17 -37.96 38.46 -23.58
CA GLY E 17 -38.69 37.24 -23.28
C GLY E 17 -38.24 36.54 -22.02
N LYS E 18 -37.65 37.27 -21.07
CA LYS E 18 -37.02 36.67 -19.91
C LYS E 18 -38.03 36.01 -18.99
N THR E 19 -39.08 36.76 -18.61
CA THR E 19 -40.07 36.23 -17.67
C THR E 19 -40.89 35.11 -18.30
N THR E 20 -41.23 35.25 -19.57
CA THR E 20 -41.95 34.19 -20.27
C THR E 20 -41.19 32.88 -20.23
N LEU E 21 -39.89 32.92 -20.53
CA LEU E 21 -39.08 31.72 -20.48
C LEU E 21 -38.96 31.18 -19.06
N ALA E 22 -38.85 32.07 -18.07
CA ALA E 22 -38.74 31.62 -16.69
C ALA E 22 -40.00 30.88 -16.26
N ASN E 23 -41.17 31.44 -16.57
CA ASN E 23 -42.43 30.80 -16.20
C ASN E 23 -42.63 29.47 -16.91
N ALA E 24 -42.16 29.37 -18.17
CA ALA E 24 -42.28 28.11 -18.89
C ALA E 24 -41.33 27.06 -18.33
N LEU E 25 -40.11 27.46 -17.98
CA LEU E 25 -39.16 26.53 -17.37
C LEU E 25 -39.66 26.07 -16.00
N TYR E 26 -40.25 27.00 -15.22
CA TYR E 26 -40.80 26.64 -13.93
C TYR E 26 -41.87 25.57 -14.06
N LYS E 27 -42.81 25.77 -15.00
CA LYS E 27 -43.88 24.81 -15.22
C LYS E 27 -43.32 23.45 -15.63
N LYS E 28 -42.32 23.43 -16.52
CA LYS E 28 -41.73 22.18 -16.98
C LYS E 28 -41.04 21.43 -15.84
N LEU E 29 -40.16 22.12 -15.12
CA LEU E 29 -39.36 21.44 -14.10
C LEU E 29 -40.23 20.97 -12.94
N GLU E 30 -41.26 21.73 -12.58
CA GLU E 30 -42.16 21.27 -11.52
C GLU E 30 -42.99 20.08 -11.96
N SER E 31 -43.36 20.03 -13.25
CA SER E 31 -44.05 18.86 -13.78
C SER E 31 -43.17 17.61 -13.77
N MET E 32 -41.85 17.78 -13.69
CA MET E 32 -40.91 16.68 -13.61
C MET E 32 -40.58 16.29 -12.18
N GLY E 33 -41.25 16.88 -11.20
CA GLY E 33 -41.04 16.54 -9.81
C GLY E 33 -40.01 17.38 -9.09
N TYR E 34 -39.47 18.41 -9.72
CA TYR E 34 -38.44 19.21 -9.08
C TYR E 34 -39.05 20.31 -8.24
N ARG E 35 -38.26 20.80 -7.29
CA ARG E 35 -38.65 21.89 -6.43
C ARG E 35 -37.99 23.16 -6.97
N VAL E 36 -38.80 24.16 -7.32
CA VAL E 36 -38.32 25.32 -8.07
C VAL E 36 -38.77 26.60 -7.38
N GLU E 37 -37.91 27.61 -7.40
CA GLU E 37 -38.23 28.95 -6.94
C GLU E 37 -37.93 29.92 -8.09
N LEU E 38 -38.81 30.91 -8.27
CA LEU E 38 -38.71 31.85 -9.38
C LEU E 38 -38.47 33.24 -8.83
N LEU E 39 -37.38 33.87 -9.27
CA LEU E 39 -36.98 35.21 -8.83
C LEU E 39 -36.98 36.12 -10.05
N ASP E 40 -38.09 36.81 -10.27
CA ASP E 40 -38.21 37.79 -11.34
C ASP E 40 -37.96 39.19 -10.80
N GLY E 41 -37.13 39.96 -11.50
CA GLY E 41 -36.71 41.26 -10.99
C GLY E 41 -37.88 42.18 -10.69
N ASP E 42 -38.82 42.28 -11.62
CA ASP E 42 -40.03 43.08 -11.41
C ASP E 42 -40.78 42.61 -10.17
N GLY E 43 -40.97 41.29 -10.03
CA GLY E 43 -41.71 40.77 -8.89
C GLY E 43 -40.96 40.93 -7.58
N VAL E 44 -39.64 40.71 -7.59
CA VAL E 44 -38.85 40.94 -6.39
C VAL E 44 -38.85 42.41 -6.02
N ARG E 45 -38.70 43.30 -7.01
CA ARG E 45 -38.69 44.73 -6.74
C ARG E 45 -39.98 45.19 -6.08
N ARG E 46 -41.13 44.75 -6.58
CA ARG E 46 -42.38 45.28 -6.03
C ARG E 46 -42.76 44.63 -4.71
N LYS E 47 -42.14 43.50 -4.36
CA LYS E 47 -42.34 42.92 -3.04
C LYS E 47 -41.42 43.59 -2.02
N LEU E 48 -40.14 43.72 -2.34
CA LEU E 48 -39.11 44.10 -1.37
C LEU E 48 -38.78 45.58 -1.36
N TYR E 49 -38.89 46.27 -2.49
CA TYR E 49 -38.55 47.69 -2.52
C TYR E 49 -39.11 48.33 -3.79
N PRO E 50 -40.42 48.59 -3.85
CA PRO E 50 -41.01 49.11 -5.10
C PRO E 50 -40.64 50.55 -5.42
N ASN E 51 -39.95 51.27 -4.53
CA ASN E 51 -39.47 52.61 -4.83
C ASN E 51 -37.99 52.64 -5.20
N LEU E 52 -37.31 51.49 -5.25
CA LEU E 52 -35.98 51.45 -5.85
C LEU E 52 -36.01 52.01 -7.26
N GLY E 53 -35.04 52.85 -7.56
CA GLY E 53 -34.87 53.41 -8.89
C GLY E 53 -34.08 52.48 -9.78
N PHE E 54 -33.55 53.03 -10.86
CA PHE E 54 -32.81 52.23 -11.82
C PHE E 54 -31.42 52.80 -12.11
N SER E 55 -30.84 53.55 -11.18
CA SER E 55 -29.44 53.92 -11.30
C SER E 55 -28.58 52.66 -11.19
N GLU E 56 -27.33 52.77 -11.65
CA GLU E 56 -26.42 51.63 -11.58
CA GLU E 56 -26.42 51.64 -11.58
C GLU E 56 -26.28 51.13 -10.16
N GLU E 57 -26.25 52.04 -9.17
CA GLU E 57 -26.10 51.65 -7.79
C GLU E 57 -27.32 50.87 -7.31
N GLU E 58 -28.51 51.37 -7.60
CA GLU E 58 -29.73 50.74 -7.13
C GLU E 58 -29.92 49.37 -7.78
N ARG E 59 -29.72 49.29 -9.11
CA ARG E 59 -29.79 48.01 -9.81
C ARG E 59 -28.81 47.01 -9.22
N TRP E 60 -27.64 47.48 -8.78
CA TRP E 60 -26.57 46.57 -8.36
C TRP E 60 -26.87 45.97 -6.99
N MET E 61 -27.45 46.75 -6.08
CA MET E 61 -27.89 46.19 -4.81
C MET E 61 -29.03 45.19 -5.02
N HIS E 62 -29.97 45.53 -5.90
CA HIS E 62 -31.07 44.62 -6.23
C HIS E 62 -30.55 43.31 -6.79
N ASN E 63 -29.59 43.38 -7.72
CA ASN E 63 -28.99 42.16 -8.25
C ASN E 63 -28.25 41.39 -7.18
N ARG E 64 -27.65 42.11 -6.23
CA ARG E 64 -26.92 41.48 -5.14
C ARG E 64 -27.86 40.70 -4.23
N VAL E 65 -29.06 41.26 -3.99
CA VAL E 65 -30.08 40.54 -3.23
C VAL E 65 -30.51 39.28 -3.96
N VAL E 66 -30.76 39.41 -5.27
CA VAL E 66 -31.24 38.27 -6.05
C VAL E 66 -30.20 37.16 -6.06
N VAL E 67 -28.91 37.53 -6.20
CA VAL E 67 -27.85 36.52 -6.19
C VAL E 67 -27.83 35.78 -4.86
N GLU E 68 -27.98 36.50 -3.75
CA GLU E 68 -27.92 35.85 -2.44
C GLU E 68 -29.06 34.89 -2.23
N MET E 69 -30.27 35.25 -2.67
CA MET E 69 -31.40 34.32 -2.57
C MET E 69 -31.16 33.07 -3.40
N ALA E 70 -30.79 33.26 -4.68
CA ALA E 70 -30.48 32.12 -5.54
C ALA E 70 -29.36 31.27 -4.94
N ARG E 71 -28.34 31.91 -4.36
CA ARG E 71 -27.27 31.18 -3.69
C ARG E 71 -27.81 30.31 -2.57
N ARG E 72 -28.65 30.88 -1.71
CA ARG E 72 -29.09 30.17 -0.52
C ARG E 72 -30.06 29.04 -0.88
N LEU E 73 -30.91 29.26 -1.88
CA LEU E 73 -31.84 28.22 -2.30
C LEU E 73 -31.11 27.09 -3.03
N SER E 74 -30.25 27.45 -3.98
CA SER E 74 -29.58 26.43 -4.80
C SER E 74 -28.68 25.52 -3.97
N ARG E 75 -28.04 26.06 -2.93
CA ARG E 75 -27.19 25.21 -2.10
C ARG E 75 -27.98 24.28 -1.19
N ASN E 76 -29.30 24.45 -1.10
CA ASN E 76 -30.15 23.57 -0.31
C ASN E 76 -31.01 22.67 -1.18
N GLY E 77 -30.63 22.47 -2.44
CA GLY E 77 -31.31 21.53 -3.31
C GLY E 77 -32.48 22.09 -4.11
N ILE E 78 -32.67 23.40 -4.11
CA ILE E 78 -33.82 24.02 -4.76
C ILE E 78 -33.35 24.65 -6.07
N ILE E 79 -33.98 24.28 -7.18
CA ILE E 79 -33.72 24.94 -8.45
C ILE E 79 -34.23 26.37 -8.39
N THR E 80 -33.37 27.32 -8.78
CA THR E 80 -33.73 28.73 -8.79
C THR E 80 -33.61 29.26 -10.21
N ILE E 81 -34.68 29.87 -10.70
CA ILE E 81 -34.71 30.45 -12.04
C ILE E 81 -34.79 31.96 -11.87
N VAL E 82 -33.74 32.67 -12.29
CA VAL E 82 -33.64 34.11 -12.13
C VAL E 82 -34.00 34.78 -13.45
N SER E 83 -34.88 35.78 -13.37
CA SER E 83 -35.40 36.50 -14.54
C SER E 83 -35.18 37.99 -14.33
N VAL E 84 -33.95 38.46 -14.52
CA VAL E 84 -33.62 39.87 -14.30
C VAL E 84 -32.76 40.39 -15.45
N VAL E 85 -32.87 41.70 -15.68
CA VAL E 85 -32.16 42.33 -16.78
C VAL E 85 -30.65 42.14 -16.63
N SER E 86 -30.11 42.44 -15.43
CA SER E 86 -28.70 42.30 -15.09
C SER E 86 -27.81 42.80 -16.21
N PRO E 87 -27.82 44.11 -16.48
CA PRO E 87 -27.28 44.61 -17.76
C PRO E 87 -25.76 44.55 -17.90
N TYR E 88 -25.00 44.33 -16.84
CA TYR E 88 -23.55 44.44 -16.92
C TYR E 88 -22.87 43.08 -16.75
N ARG E 89 -21.80 42.88 -17.51
CA ARG E 89 -21.05 41.63 -17.47
C ARG E 89 -20.49 41.36 -16.07
N ALA E 90 -19.98 42.40 -15.40
CA ALA E 90 -19.32 42.19 -14.12
C ALA E 90 -20.27 41.63 -13.08
N TRP E 91 -21.55 42.00 -13.15
CA TRP E 91 -22.51 41.52 -12.16
C TRP E 91 -22.81 40.04 -12.37
N ARG E 92 -22.98 39.63 -13.62
CA ARG E 92 -23.20 38.21 -13.93
C ARG E 92 -21.97 37.37 -13.64
N GLU E 93 -20.77 37.95 -13.80
CA GLU E 93 -19.56 37.24 -13.38
C GLU E 93 -19.46 37.14 -11.87
N TYR E 94 -19.97 38.15 -11.15
CA TYR E 94 -20.07 38.05 -9.71
C TYR E 94 -21.08 36.97 -9.32
N ALA E 95 -22.23 36.94 -10.00
CA ALA E 95 -23.24 35.93 -9.73
C ALA E 95 -22.70 34.53 -9.99
N ARG E 96 -22.06 34.34 -11.15
CA ARG E 96 -21.45 33.06 -11.48
C ARG E 96 -20.48 32.60 -10.41
N LYS E 97 -19.77 33.55 -9.77
CA LYS E 97 -18.76 33.22 -8.78
C LYS E 97 -19.39 32.88 -7.43
N GLU E 98 -20.57 33.43 -7.13
CA GLU E 98 -21.27 33.12 -5.89
C GLU E 98 -22.11 31.85 -5.98
N ILE E 99 -22.38 31.36 -7.19
CA ILE E 99 -23.27 30.22 -7.39
C ILE E 99 -22.50 29.15 -8.15
N GLU E 100 -22.32 27.99 -7.51
CA GLU E 100 -21.52 26.92 -8.11
C GLU E 100 -22.06 26.51 -9.47
N LYS E 101 -23.28 26.00 -9.51
CA LYS E 101 -23.88 25.49 -10.75
C LYS E 101 -24.67 26.63 -11.39
N PHE E 102 -23.98 27.43 -12.20
CA PHE E 102 -24.53 28.66 -12.75
C PHE E 102 -24.73 28.48 -14.24
N VAL E 103 -25.96 28.71 -14.71
CA VAL E 103 -26.33 28.47 -16.10
C VAL E 103 -26.89 29.78 -16.65
N GLU E 104 -26.06 30.51 -17.38
CA GLU E 104 -26.46 31.80 -17.95
C GLU E 104 -27.21 31.60 -19.26
N VAL E 105 -28.34 32.28 -19.40
CA VAL E 105 -29.22 32.13 -20.57
C VAL E 105 -29.52 33.51 -21.12
N TYR E 106 -29.28 33.69 -22.42
CA TYR E 106 -29.42 34.99 -23.07
C TYR E 106 -30.47 34.94 -24.17
N PRO E 107 -31.67 35.46 -23.94
CA PRO E 107 -32.64 35.60 -25.04
C PRO E 107 -32.30 36.76 -25.96
N ARG E 108 -31.80 36.44 -27.16
CA ARG E 108 -31.54 37.46 -28.16
C ARG E 108 -32.82 37.82 -28.90
N CYS E 109 -33.02 39.11 -29.11
CA CYS E 109 -34.19 39.58 -29.84
C CYS E 109 -33.92 40.99 -30.35
N PRO E 110 -34.06 41.23 -31.64
CA PRO E 110 -33.70 42.55 -32.18
C PRO E 110 -34.64 43.63 -31.68
N LEU E 111 -34.12 44.85 -31.60
CA LEU E 111 -34.88 45.98 -31.06
C LEU E 111 -36.19 46.17 -31.80
N GLU E 112 -36.20 45.91 -33.10
CA GLU E 112 -37.41 46.08 -33.89
C GLU E 112 -38.53 45.17 -33.39
N VAL E 113 -38.19 43.96 -32.94
CA VAL E 113 -39.20 43.03 -32.45
C VAL E 113 -39.62 43.40 -31.03
N ARG E 114 -38.64 43.63 -30.14
CA ARG E 114 -38.94 44.00 -28.75
C ARG E 114 -39.90 45.18 -28.68
N MET E 115 -39.77 46.13 -29.61
CA MET E 115 -40.71 47.25 -29.70
C MET E 115 -42.14 46.80 -29.96
N LYS E 116 -42.32 45.71 -30.70
CA LYS E 116 -43.66 45.20 -30.96
C LYS E 116 -44.10 44.14 -29.96
N ARG E 117 -43.19 43.69 -29.09
CA ARG E 117 -43.52 42.74 -28.05
C ARG E 117 -43.38 43.38 -26.67
N ASP E 118 -44.10 44.47 -26.41
CA ASP E 118 -43.91 45.25 -25.20
C ASP E 118 -45.27 45.65 -24.64
N PRO E 119 -46.00 44.69 -24.06
CA PRO E 119 -47.34 44.99 -23.52
C PRO E 119 -47.31 45.91 -22.30
N LYS E 120 -46.18 45.99 -21.60
CA LYS E 120 -46.05 46.96 -20.50
C LYS E 120 -45.91 48.38 -21.02
N GLY E 121 -45.58 48.57 -22.28
CA GLY E 121 -45.43 49.91 -22.83
C GLY E 121 -44.17 50.63 -22.39
N LEU E 122 -43.10 49.88 -22.11
CA LEU E 122 -41.89 50.48 -21.55
C LEU E 122 -41.07 51.23 -22.60
N TYR E 123 -40.87 50.64 -23.78
CA TYR E 123 -40.10 51.31 -24.82
C TYR E 123 -40.76 52.60 -25.24
N SER E 124 -42.08 52.59 -25.30
CA SER E 124 -42.84 53.78 -25.65
C SER E 124 -42.70 54.86 -24.57
N LYS E 125 -42.66 54.45 -23.29
CA LYS E 125 -42.43 55.42 -22.22
C LYS E 125 -41.02 55.98 -22.27
N ALA E 126 -40.03 55.14 -22.59
CA ALA E 126 -38.65 55.62 -22.70
C ALA E 126 -38.47 56.54 -23.90
N LEU E 127 -38.99 56.15 -25.07
CA LEU E 127 -38.89 57.05 -26.26
CA LEU E 127 -38.86 57.07 -26.24
C LEU E 127 -39.43 58.51 -26.12
N ARG E 128 -40.43 58.54 -25.25
CA ARG E 128 -41.13 59.76 -24.83
C ARG E 128 -40.33 60.35 -23.65
N GLY E 129 -39.42 59.58 -23.06
CA GLY E 129 -38.62 60.08 -21.93
C GLY E 129 -39.31 60.00 -20.58
N GLU E 130 -40.54 59.47 -20.51
CA GLU E 130 -41.28 59.34 -19.21
C GLU E 130 -40.48 58.43 -18.26
N ILE E 131 -39.64 57.58 -18.83
CA ILE E 131 -38.66 56.80 -18.08
C ILE E 131 -37.33 56.96 -18.81
N LYS E 132 -36.24 56.96 -18.06
CA LYS E 132 -34.91 57.23 -18.60
C LYS E 132 -34.03 56.00 -18.48
N GLY E 133 -33.19 55.79 -19.49
CA GLY E 133 -32.22 54.71 -19.44
C GLY E 133 -32.80 53.32 -19.49
N LEU E 134 -33.98 53.14 -20.09
CA LEU E 134 -34.55 51.81 -20.24
C LEU E 134 -33.57 50.89 -20.95
N THR E 135 -33.19 49.81 -20.27
CA THR E 135 -32.25 48.86 -20.84
C THR E 135 -32.83 48.27 -22.12
N GLY E 136 -32.02 48.25 -23.18
CA GLY E 136 -32.47 47.86 -24.50
C GLY E 136 -32.73 49.02 -25.44
N LEU E 137 -32.96 50.22 -24.91
CA LEU E 137 -33.10 51.42 -25.71
C LEU E 137 -31.89 52.30 -25.42
N ASP E 138 -32.01 53.32 -24.57
CA ASP E 138 -30.87 54.17 -24.25
C ASP E 138 -30.01 53.62 -23.12
N GLY E 139 -30.57 52.75 -22.27
CA GLY E 139 -29.76 52.12 -21.23
C GLY E 139 -28.89 51.01 -21.82
N GLU E 140 -27.64 50.97 -21.39
CA GLU E 140 -26.69 50.05 -21.98
C GLU E 140 -26.99 48.62 -21.55
N TYR E 141 -26.87 47.68 -22.50
CA TYR E 141 -26.84 46.27 -22.18
C TYR E 141 -25.57 45.67 -22.77
N GLU E 142 -24.72 45.12 -21.91
CA GLU E 142 -23.55 44.39 -22.34
C GLU E 142 -23.95 42.93 -22.57
N GLU E 143 -23.77 42.48 -23.80
CA GLU E 143 -24.18 41.12 -24.14
C GLU E 143 -23.21 40.11 -23.53
N PRO E 144 -23.73 38.98 -23.04
CA PRO E 144 -22.83 37.89 -22.64
C PRO E 144 -21.93 37.51 -23.80
N GLU E 145 -20.69 37.13 -23.49
CA GLU E 145 -19.76 36.68 -24.52
C GLU E 145 -19.76 35.18 -24.68
N ASN E 146 -19.90 34.42 -23.60
CA ASN E 146 -19.96 32.96 -23.65
C ASN E 146 -21.02 32.48 -22.67
N PRO E 147 -22.30 32.69 -22.97
CA PRO E 147 -23.35 32.18 -22.10
C PRO E 147 -23.56 30.68 -22.32
N GLU E 148 -24.08 30.02 -21.28
CA GLU E 148 -24.36 28.60 -21.40
C GLU E 148 -25.39 28.33 -22.48
N VAL E 149 -26.37 29.23 -22.63
CA VAL E 149 -27.44 29.06 -23.61
C VAL E 149 -27.72 30.42 -24.24
N VAL E 150 -27.86 30.43 -25.56
CA VAL E 150 -28.39 31.58 -26.31
C VAL E 150 -29.62 31.12 -27.06
N VAL E 151 -30.68 31.90 -27.00
CA VAL E 151 -31.89 31.65 -27.77
C VAL E 151 -32.33 32.95 -28.42
N ASP E 152 -32.76 32.85 -29.69
CA ASP E 152 -33.36 33.98 -30.39
C ASP E 152 -34.86 33.89 -30.27
N THR E 153 -35.45 34.79 -29.49
CA THR E 153 -36.87 34.79 -29.24
C THR E 153 -37.68 35.42 -30.36
N ASP E 154 -37.02 36.02 -31.35
CA ASP E 154 -37.73 36.44 -32.56
C ASP E 154 -37.95 35.28 -33.51
N LYS E 155 -37.24 34.16 -33.32
CA LYS E 155 -37.28 33.04 -34.24
C LYS E 155 -37.71 31.72 -33.61
N MET E 156 -37.60 31.58 -32.29
CA MET E 156 -37.91 30.33 -31.59
C MET E 156 -39.24 30.46 -30.84
N THR E 157 -39.95 29.35 -30.74
CA THR E 157 -41.12 29.30 -29.87
C THR E 157 -40.67 29.17 -28.42
N VAL E 158 -41.59 29.45 -27.50
CA VAL E 158 -41.26 29.30 -26.09
C VAL E 158 -40.94 27.85 -25.76
N GLU E 159 -41.68 26.90 -26.36
CA GLU E 159 -41.38 25.49 -26.15
CA GLU E 159 -41.38 25.50 -26.14
C GLU E 159 -39.96 25.15 -26.56
N GLU E 160 -39.52 25.67 -27.72
CA GLU E 160 -38.16 25.38 -28.17
C GLU E 160 -37.11 26.00 -27.26
N GLU E 161 -37.34 27.22 -26.77
CA GLU E 161 -36.42 27.78 -25.78
C GLU E 161 -36.33 26.89 -24.54
N VAL E 162 -37.47 26.33 -24.11
CA VAL E 162 -37.46 25.42 -22.97
C VAL E 162 -36.58 24.20 -23.25
N GLU E 163 -36.74 23.60 -24.44
CA GLU E 163 -35.97 22.39 -24.73
C GLU E 163 -34.48 22.70 -24.93
N ALA E 164 -34.14 23.87 -25.47
CA ALA E 164 -32.73 24.23 -25.58
C ALA E 164 -32.08 24.33 -24.20
N VAL E 165 -32.79 24.90 -23.22
CA VAL E 165 -32.27 24.98 -21.87
C VAL E 165 -32.15 23.60 -21.25
N LEU E 166 -33.20 22.78 -21.39
CA LEU E 166 -33.17 21.43 -20.82
C LEU E 166 -32.06 20.59 -21.46
N LYS E 167 -31.89 20.71 -22.78
CA LYS E 167 -30.78 20.04 -23.46
C LYS E 167 -29.45 20.36 -22.79
N LYS E 168 -29.11 21.66 -22.71
CA LYS E 168 -27.84 22.05 -22.12
C LYS E 168 -27.73 21.61 -20.66
N LEU E 169 -28.84 21.64 -19.92
CA LEU E 169 -28.79 21.22 -18.52
C LEU E 169 -28.45 19.74 -18.38
N MET E 170 -28.86 18.92 -19.35
CA MET E 170 -28.44 17.52 -19.32
C MET E 170 -26.98 17.37 -19.72
N GLU E 171 -26.54 18.11 -20.73
CA GLU E 171 -25.13 18.08 -21.12
C GLU E 171 -24.22 18.47 -19.96
N LEU E 172 -24.57 19.54 -19.24
CA LEU E 172 -23.78 19.93 -18.09
C LEU E 172 -23.81 18.89 -16.97
N GLY E 173 -24.84 18.05 -16.95
CA GLY E 173 -24.98 17.05 -15.91
C GLY E 173 -25.81 17.45 -14.71
N TYR E 174 -26.77 18.37 -14.89
CA TYR E 174 -27.54 18.89 -13.77
C TYR E 174 -28.92 18.25 -13.65
N LEU E 175 -29.47 17.71 -14.73
CA LEU E 175 -30.71 16.93 -14.64
C LEU E 175 -30.44 15.47 -14.94
N SER F 3 28.67 -17.57 0.44
CA SER F 3 28.23 -16.90 -0.77
C SER F 3 29.17 -17.19 -1.95
N MET F 4 28.84 -16.62 -3.11
CA MET F 4 29.45 -16.99 -4.38
C MET F 4 30.82 -16.32 -4.50
N SER F 5 31.86 -17.13 -4.68
CA SER F 5 33.19 -16.62 -5.00
C SER F 5 33.41 -16.68 -6.51
N PHE F 6 34.62 -16.37 -6.96
CA PHE F 6 34.92 -16.23 -8.37
C PHE F 6 36.02 -17.21 -8.80
N VAL F 7 36.18 -17.33 -10.12
CA VAL F 7 37.20 -18.17 -10.72
C VAL F 7 38.05 -17.33 -11.66
N ILE F 8 39.37 -17.45 -11.55
CA ILE F 8 40.32 -16.82 -12.45
C ILE F 8 40.77 -17.87 -13.45
N TRP F 9 40.32 -17.74 -14.70
CA TRP F 9 40.64 -18.72 -15.75
C TRP F 9 41.74 -18.14 -16.63
N ILE F 10 42.92 -18.75 -16.57
CA ILE F 10 44.11 -18.26 -17.27
C ILE F 10 44.37 -19.22 -18.43
N THR F 11 44.14 -18.73 -19.64
CA THR F 11 44.22 -19.53 -20.85
C THR F 11 45.31 -19.00 -21.76
N GLY F 12 45.87 -19.88 -22.59
CA GLY F 12 46.92 -19.50 -23.50
C GLY F 12 47.79 -20.65 -23.94
N PRO F 13 48.65 -20.42 -24.93
CA PRO F 13 49.52 -21.48 -25.44
C PRO F 13 50.62 -21.83 -24.45
N SER F 14 51.36 -22.89 -24.77
CA SER F 14 52.46 -23.33 -23.93
C SER F 14 53.52 -22.24 -23.83
N GLY F 15 54.00 -21.99 -22.62
CA GLY F 15 55.01 -20.98 -22.41
C GLY F 15 54.50 -19.56 -22.31
N ALA F 16 53.17 -19.36 -22.28
CA ALA F 16 52.63 -18.02 -22.21
C ALA F 16 52.79 -17.39 -20.83
N GLY F 17 53.06 -18.17 -19.80
CA GLY F 17 53.14 -17.66 -18.44
C GLY F 17 51.93 -17.94 -17.57
N LYS F 18 51.16 -18.98 -17.88
CA LYS F 18 49.89 -19.22 -17.19
C LYS F 18 50.12 -19.69 -15.76
N THR F 19 50.99 -20.69 -15.59
CA THR F 19 51.24 -21.25 -14.27
C THR F 19 51.97 -20.26 -13.38
N THR F 20 52.88 -19.48 -13.97
CA THR F 20 53.62 -18.48 -13.21
C THR F 20 52.68 -17.42 -12.63
N LEU F 21 51.72 -16.97 -13.43
CA LEU F 21 50.76 -15.98 -12.94
C LEU F 21 49.80 -16.59 -11.94
N ALA F 22 49.43 -17.87 -12.13
CA ALA F 22 48.52 -18.52 -11.18
C ALA F 22 49.18 -18.68 -9.81
N ASN F 23 50.46 -19.06 -9.79
CA ASN F 23 51.17 -19.20 -8.52
C ASN F 23 51.32 -17.85 -7.84
N ALA F 24 51.61 -16.80 -8.61
CA ALA F 24 51.79 -15.48 -8.02
C ALA F 24 50.48 -14.94 -7.47
N LEU F 25 49.39 -15.11 -8.21
CA LEU F 25 48.08 -14.69 -7.74
C LEU F 25 47.68 -15.47 -6.48
N TYR F 26 48.05 -16.74 -6.41
CA TYR F 26 47.72 -17.58 -5.27
C TYR F 26 48.36 -17.05 -3.99
N LYS F 27 49.67 -16.82 -4.04
CA LYS F 27 50.38 -16.32 -2.86
C LYS F 27 49.86 -14.94 -2.46
N LYS F 28 49.53 -14.10 -3.44
CA LYS F 28 49.06 -12.75 -3.12
C LYS F 28 47.69 -12.80 -2.46
N LEU F 29 46.78 -13.61 -3.02
CA LEU F 29 45.43 -13.72 -2.48
C LEU F 29 45.42 -14.40 -1.12
N GLU F 30 46.29 -15.40 -0.93
CA GLU F 30 46.38 -16.06 0.37
C GLU F 30 46.85 -15.10 1.44
N SER F 31 47.76 -14.18 1.09
CA SER F 31 48.28 -13.23 2.06
C SER F 31 47.26 -12.15 2.44
N MET F 32 46.16 -12.04 1.71
CA MET F 32 45.03 -11.23 2.16
C MET F 32 44.00 -12.04 2.92
N GLY F 33 44.35 -13.23 3.40
CA GLY F 33 43.38 -14.05 4.09
C GLY F 33 42.32 -14.65 3.21
N TYR F 34 42.42 -14.46 1.89
CA TYR F 34 41.54 -15.14 0.96
C TYR F 34 41.94 -16.60 0.82
N ARG F 35 40.90 -17.47 0.76
CA ARG F 35 41.07 -18.94 0.68
C ARG F 35 41.06 -19.35 -0.78
N VAL F 36 42.06 -20.07 -1.22
CA VAL F 36 42.28 -20.23 -2.65
C VAL F 36 42.62 -21.68 -2.99
N GLU F 37 42.17 -22.13 -4.16
CA GLU F 37 42.53 -23.43 -4.73
C GLU F 37 43.06 -23.22 -6.16
N LEU F 38 44.16 -23.89 -6.48
CA LEU F 38 44.82 -23.76 -7.78
C LEU F 38 44.67 -25.04 -8.58
N LEU F 39 44.24 -24.90 -9.84
CA LEU F 39 44.05 -26.03 -10.76
C LEU F 39 44.95 -25.79 -11.97
N ASP F 40 46.14 -26.38 -11.96
CA ASP F 40 47.04 -26.31 -13.10
C ASP F 40 46.79 -27.51 -14.01
N GLY F 41 46.59 -27.24 -15.31
CA GLY F 41 46.28 -28.32 -16.24
C GLY F 41 47.28 -29.45 -16.16
N ASP F 42 48.57 -29.12 -16.09
CA ASP F 42 49.59 -30.16 -16.00
C ASP F 42 49.52 -30.89 -14.66
N GLY F 43 49.40 -30.13 -13.55
CA GLY F 43 49.34 -30.77 -12.24
C GLY F 43 48.12 -31.65 -12.09
N VAL F 44 46.97 -31.21 -12.62
CA VAL F 44 45.77 -32.03 -12.57
C VAL F 44 45.93 -33.28 -13.43
N ARG F 45 46.56 -33.15 -14.61
CA ARG F 45 46.74 -34.30 -15.48
C ARG F 45 47.59 -35.38 -14.82
N ARG F 46 48.70 -34.99 -14.18
CA ARG F 46 49.59 -36.01 -13.62
C ARG F 46 48.98 -36.70 -12.41
N LYS F 47 48.07 -36.04 -11.69
CA LYS F 47 47.47 -36.70 -10.54
C LYS F 47 46.29 -37.59 -10.93
N LEU F 48 45.45 -37.12 -11.86
CA LEU F 48 44.19 -37.78 -12.14
C LEU F 48 44.26 -38.76 -13.33
N TYR F 49 45.01 -38.42 -14.37
CA TYR F 49 45.09 -39.27 -15.55
C TYR F 49 46.36 -38.97 -16.33
N PRO F 50 47.53 -39.41 -15.84
CA PRO F 50 48.78 -39.02 -16.51
C PRO F 50 48.92 -39.54 -17.93
N ASN F 51 48.27 -40.64 -18.29
CA ASN F 51 48.37 -41.17 -19.65
C ASN F 51 47.34 -40.58 -20.60
N LEU F 52 46.48 -39.67 -20.14
CA LEU F 52 45.55 -39.00 -21.05
C LEU F 52 46.33 -38.20 -22.08
N GLY F 53 45.91 -38.31 -23.34
CA GLY F 53 46.60 -37.69 -24.46
C GLY F 53 46.12 -36.28 -24.73
N PHE F 54 46.45 -35.79 -25.92
CA PHE F 54 46.18 -34.40 -26.28
C PHE F 54 45.32 -34.29 -27.54
N SER F 55 44.52 -35.30 -27.86
CA SER F 55 43.49 -35.13 -28.86
C SER F 55 42.45 -34.14 -28.35
N GLU F 56 41.64 -33.60 -29.27
CA GLU F 56 40.64 -32.61 -28.89
C GLU F 56 39.63 -33.20 -27.91
N GLU F 57 39.27 -34.47 -28.09
CA GLU F 57 38.28 -35.09 -27.22
C GLU F 57 38.86 -35.35 -25.83
N GLU F 58 40.14 -35.68 -25.74
CA GLU F 58 40.77 -35.87 -24.43
C GLU F 58 40.97 -34.54 -23.72
N ARG F 59 41.35 -33.49 -24.46
CA ARG F 59 41.45 -32.16 -23.86
C ARG F 59 40.10 -31.69 -23.35
N TRP F 60 39.03 -31.98 -24.09
CA TRP F 60 37.69 -31.51 -23.73
C TRP F 60 37.21 -32.16 -22.44
N MET F 61 37.41 -33.47 -22.30
CA MET F 61 37.11 -34.13 -21.02
C MET F 61 37.84 -33.46 -19.88
N HIS F 62 39.16 -33.33 -20.01
CA HIS F 62 39.99 -32.71 -18.98
C HIS F 62 39.48 -31.31 -18.64
N ASN F 63 39.13 -30.55 -19.66
CA ASN F 63 38.61 -29.17 -19.46
C ASN F 63 37.30 -29.24 -18.68
N ARG F 64 36.42 -30.17 -19.02
CA ARG F 64 35.11 -30.33 -18.34
C ARG F 64 35.35 -30.70 -16.86
N VAL F 65 36.33 -31.54 -16.59
CA VAL F 65 36.65 -31.92 -15.18
C VAL F 65 37.12 -30.67 -14.42
N VAL F 66 37.95 -29.86 -15.05
CA VAL F 66 38.47 -28.65 -14.37
C VAL F 66 37.32 -27.67 -14.15
N VAL F 67 36.46 -27.53 -15.14
CA VAL F 67 35.34 -26.60 -15.00
C VAL F 67 34.46 -26.98 -13.83
N GLU F 68 34.12 -28.28 -13.72
CA GLU F 68 33.26 -28.73 -12.64
C GLU F 68 33.93 -28.57 -11.28
N MET F 69 35.24 -28.84 -11.22
CA MET F 69 35.96 -28.64 -9.96
C MET F 69 35.89 -27.18 -9.53
N ALA F 70 36.17 -26.26 -10.46
CA ALA F 70 36.14 -24.83 -10.14
C ALA F 70 34.72 -24.37 -9.82
N ARG F 71 33.71 -24.95 -10.49
CA ARG F 71 32.34 -24.56 -10.20
CA ARG F 71 32.34 -24.57 -10.20
C ARG F 71 31.95 -24.93 -8.77
N ARG F 72 32.32 -26.12 -8.32
CA ARG F 72 31.91 -26.57 -6.99
C ARG F 72 32.67 -25.82 -5.90
N LEU F 73 33.94 -25.49 -6.14
CA LEU F 73 34.70 -24.74 -5.15
C LEU F 73 34.21 -23.29 -5.07
N SER F 74 34.07 -22.64 -6.23
CA SER F 74 33.72 -21.22 -6.23
C SER F 74 32.33 -20.99 -5.67
N ARG F 75 31.40 -21.90 -5.91
CA ARG F 75 30.06 -21.69 -5.36
C ARG F 75 30.00 -21.98 -3.87
N ASN F 76 31.06 -22.52 -3.28
CA ASN F 76 31.17 -22.65 -1.83
C ASN F 76 32.07 -21.58 -1.22
N GLY F 77 32.33 -20.50 -1.96
CA GLY F 77 33.03 -19.35 -1.42
C GLY F 77 34.53 -19.42 -1.53
N ILE F 78 35.06 -20.07 -2.55
CA ILE F 78 36.45 -20.50 -2.57
C ILE F 78 37.02 -20.06 -3.91
N ILE F 79 37.95 -19.10 -3.88
CA ILE F 79 38.54 -18.62 -5.12
C ILE F 79 39.29 -19.77 -5.79
N THR F 80 39.02 -19.98 -7.08
CA THR F 80 39.69 -21.00 -7.85
C THR F 80 40.46 -20.34 -8.98
N ILE F 81 41.76 -20.60 -9.04
CA ILE F 81 42.64 -20.10 -10.09
C ILE F 81 42.95 -21.25 -11.04
N VAL F 82 42.48 -21.15 -12.28
CA VAL F 82 42.69 -22.19 -13.29
C VAL F 82 43.82 -21.77 -14.21
N SER F 83 44.77 -22.68 -14.43
CA SER F 83 45.93 -22.43 -15.27
C SER F 83 46.00 -23.55 -16.32
N VAL F 84 45.18 -23.43 -17.37
CA VAL F 84 45.08 -24.46 -18.40
C VAL F 84 45.09 -23.82 -19.79
N VAL F 85 45.61 -24.55 -20.76
CA VAL F 85 45.67 -24.05 -22.14
C VAL F 85 44.28 -23.70 -22.63
N SER F 86 43.36 -24.68 -22.63
CA SER F 86 41.98 -24.51 -23.06
C SER F 86 41.90 -23.80 -24.41
N PRO F 87 42.35 -24.44 -25.49
CA PRO F 87 42.67 -23.68 -26.71
C PRO F 87 41.46 -23.12 -27.46
N TYR F 88 40.25 -23.60 -27.21
CA TYR F 88 39.10 -23.20 -28.02
C TYR F 88 38.15 -22.29 -27.25
N ARG F 89 37.62 -21.28 -27.96
CA ARG F 89 36.74 -20.31 -27.33
C ARG F 89 35.44 -20.95 -26.85
N ALA F 90 34.94 -21.95 -27.57
CA ALA F 90 33.70 -22.59 -27.16
C ALA F 90 33.84 -23.28 -25.81
N TRP F 91 35.03 -23.81 -25.51
CA TRP F 91 35.27 -24.38 -24.19
C TRP F 91 35.28 -23.29 -23.13
N ARG F 92 35.95 -22.17 -23.43
CA ARG F 92 35.96 -21.04 -22.50
C ARG F 92 34.57 -20.43 -22.33
N GLU F 93 33.78 -20.40 -23.39
CA GLU F 93 32.39 -19.94 -23.27
C GLU F 93 31.56 -20.93 -22.47
N TYR F 94 31.88 -22.22 -22.54
CA TYR F 94 31.22 -23.22 -21.69
C TYR F 94 31.57 -22.99 -20.22
N ALA F 95 32.85 -22.81 -19.92
CA ALA F 95 33.26 -22.55 -18.55
C ALA F 95 32.60 -21.29 -18.00
N ARG F 96 32.50 -20.25 -18.83
CA ARG F 96 31.84 -19.01 -18.42
C ARG F 96 30.37 -19.25 -18.09
N LYS F 97 29.72 -20.16 -18.82
CA LYS F 97 28.31 -20.47 -18.55
C LYS F 97 28.16 -21.28 -17.27
N GLU F 98 29.16 -22.10 -16.94
CA GLU F 98 29.09 -22.95 -15.76
C GLU F 98 29.51 -22.23 -14.48
N ILE F 99 30.30 -21.18 -14.60
CA ILE F 99 30.86 -20.46 -13.46
C ILE F 99 30.37 -19.02 -13.53
N GLU F 100 29.56 -18.62 -12.55
CA GLU F 100 28.91 -17.32 -12.58
C GLU F 100 29.92 -16.18 -12.61
N LYS F 101 30.81 -16.14 -11.61
CA LYS F 101 31.78 -15.05 -11.50
C LYS F 101 33.07 -15.49 -12.19
N PHE F 102 33.09 -15.32 -13.50
CA PHE F 102 34.12 -15.87 -14.37
C PHE F 102 35.02 -14.74 -14.85
N VAL F 103 36.33 -14.91 -14.64
CA VAL F 103 37.32 -13.88 -14.96
C VAL F 103 38.35 -14.51 -15.89
N GLU F 104 38.17 -14.32 -17.19
CA GLU F 104 39.09 -14.86 -18.18
C GLU F 104 40.33 -13.97 -18.29
N VAL F 105 41.50 -14.60 -18.28
CA VAL F 105 42.78 -13.89 -18.31
C VAL F 105 43.64 -14.51 -19.41
N TYR F 106 44.14 -13.68 -20.32
CA TYR F 106 44.93 -14.16 -21.45
C TYR F 106 46.33 -13.59 -21.38
N PRO F 107 47.35 -14.39 -21.02
CA PRO F 107 48.75 -13.96 -21.15
C PRO F 107 49.18 -14.02 -22.60
N ARG F 108 49.40 -12.85 -23.20
CA ARG F 108 49.73 -12.74 -24.61
C ARG F 108 51.25 -12.67 -24.76
N CYS F 109 51.81 -13.57 -25.55
CA CYS F 109 53.27 -13.61 -25.69
C CYS F 109 53.66 -14.15 -27.06
N PRO F 110 54.60 -13.51 -27.75
CA PRO F 110 54.96 -13.96 -29.10
C PRO F 110 55.83 -15.22 -29.10
N LEU F 111 55.72 -15.97 -30.19
CA LEU F 111 56.38 -17.28 -30.29
C LEU F 111 57.88 -17.17 -30.10
N GLU F 112 58.49 -16.09 -30.59
CA GLU F 112 59.94 -15.97 -30.45
C GLU F 112 60.33 -15.86 -28.99
N VAL F 113 59.51 -15.18 -28.18
CA VAL F 113 59.77 -15.13 -26.74
C VAL F 113 59.44 -16.47 -26.10
N ARG F 114 58.22 -16.98 -26.35
CA ARG F 114 57.81 -18.28 -25.81
C ARG F 114 58.86 -19.36 -26.11
N MET F 115 59.46 -19.30 -27.29
CA MET F 115 60.52 -20.25 -27.63
C MET F 115 61.72 -20.13 -26.70
N LYS F 116 61.97 -18.94 -26.16
CA LYS F 116 63.08 -18.76 -25.22
C LYS F 116 62.64 -18.83 -23.77
N ARG F 117 61.35 -19.06 -23.52
CA ARG F 117 60.85 -19.25 -22.16
C ARG F 117 60.31 -20.66 -21.99
N ASP F 118 61.09 -21.67 -22.35
CA ASP F 118 60.61 -23.05 -22.41
C ASP F 118 61.56 -23.95 -21.62
N PRO F 119 61.53 -23.86 -20.28
CA PRO F 119 62.43 -24.71 -19.49
C PRO F 119 62.09 -26.19 -19.57
N LYS F 120 60.84 -26.53 -19.85
CA LYS F 120 60.45 -27.93 -20.04
C LYS F 120 60.84 -28.44 -21.43
N GLY F 121 61.36 -27.57 -22.29
CA GLY F 121 61.81 -28.00 -23.61
C GLY F 121 60.70 -28.50 -24.49
N LEU F 122 59.48 -28.04 -24.29
CA LEU F 122 58.35 -28.53 -25.09
C LEU F 122 58.51 -28.14 -26.55
N TYR F 123 58.74 -26.85 -26.82
CA TYR F 123 58.73 -26.37 -28.20
C TYR F 123 59.80 -27.06 -29.03
N SER F 124 60.96 -27.34 -28.44
CA SER F 124 61.98 -28.11 -29.12
C SER F 124 61.42 -29.45 -29.58
N LYS F 125 60.61 -30.10 -28.75
CA LYS F 125 60.13 -31.44 -29.07
C LYS F 125 59.05 -31.41 -30.13
N ALA F 126 58.19 -30.39 -30.13
CA ALA F 126 57.22 -30.27 -31.22
C ALA F 126 57.87 -29.87 -32.53
N LEU F 127 58.95 -29.07 -32.47
CA LEU F 127 59.73 -28.80 -33.68
C LEU F 127 60.33 -30.07 -34.23
N ARG F 128 60.87 -30.91 -33.35
CA ARG F 128 61.24 -32.28 -33.67
C ARG F 128 59.96 -33.12 -33.72
N GLY F 129 60.09 -34.44 -33.75
CA GLY F 129 58.89 -35.25 -33.85
C GLY F 129 58.31 -35.63 -32.50
N GLU F 130 59.10 -35.46 -31.44
CA GLU F 130 58.87 -36.17 -30.18
C GLU F 130 57.50 -35.89 -29.57
N ILE F 131 56.84 -34.78 -29.92
CA ILE F 131 55.43 -34.56 -29.59
C ILE F 131 54.76 -33.87 -30.77
N LYS F 132 53.44 -34.03 -30.85
CA LYS F 132 52.65 -33.58 -31.99
C LYS F 132 51.56 -32.63 -31.53
N GLY F 133 51.36 -31.56 -32.27
CA GLY F 133 50.26 -30.64 -32.01
C GLY F 133 50.40 -29.78 -30.78
N LEU F 134 51.61 -29.33 -30.45
CA LEU F 134 51.79 -28.41 -29.34
C LEU F 134 51.02 -27.12 -29.58
N THR F 135 50.15 -26.76 -28.65
CA THR F 135 49.44 -25.50 -28.74
C THR F 135 50.42 -24.35 -28.69
N GLY F 136 50.25 -23.39 -29.61
CA GLY F 136 51.20 -22.31 -29.79
C GLY F 136 52.26 -22.57 -30.84
N LEU F 137 52.31 -23.80 -31.39
CA LEU F 137 53.22 -24.11 -32.48
C LEU F 137 52.38 -24.71 -33.61
N ASP F 138 52.33 -26.03 -33.75
CA ASP F 138 51.44 -26.63 -34.74
C ASP F 138 50.00 -26.71 -34.25
N GLY F 139 49.81 -27.06 -32.98
CA GLY F 139 48.47 -27.08 -32.42
C GLY F 139 47.87 -25.69 -32.38
N GLU F 140 46.58 -25.61 -32.69
CA GLU F 140 45.89 -24.34 -32.83
C GLU F 140 45.53 -23.73 -31.48
N TYR F 141 45.50 -22.40 -31.43
CA TYR F 141 44.99 -21.66 -30.28
C TYR F 141 44.08 -20.53 -30.78
N GLU F 142 42.86 -20.49 -30.26
CA GLU F 142 41.89 -19.46 -30.59
C GLU F 142 41.95 -18.35 -29.53
N GLU F 143 42.46 -17.19 -29.91
CA GLU F 143 42.63 -16.10 -28.96
C GLU F 143 41.27 -15.64 -28.45
N PRO F 144 41.18 -15.29 -27.16
CA PRO F 144 39.91 -14.76 -26.63
C PRO F 144 39.55 -13.43 -27.29
N GLU F 145 38.27 -13.31 -27.70
CA GLU F 145 37.81 -12.06 -28.29
C GLU F 145 37.74 -10.95 -27.25
N ASN F 146 37.19 -11.25 -26.08
CA ASN F 146 36.89 -10.24 -25.06
C ASN F 146 37.17 -10.79 -23.66
N PRO F 147 38.43 -11.00 -23.33
CA PRO F 147 38.76 -11.45 -21.96
C PRO F 147 38.74 -10.30 -20.98
N GLU F 148 38.39 -10.64 -19.73
CA GLU F 148 38.35 -9.63 -18.68
C GLU F 148 39.72 -8.96 -18.49
N VAL F 149 40.79 -9.72 -18.66
CA VAL F 149 42.14 -9.21 -18.47
C VAL F 149 43.01 -9.73 -19.61
N VAL F 150 43.80 -8.85 -20.21
CA VAL F 150 44.87 -9.22 -21.12
C VAL F 150 46.18 -8.69 -20.55
N VAL F 151 47.20 -9.54 -20.55
CA VAL F 151 48.54 -9.14 -20.12
C VAL F 151 49.53 -9.58 -21.18
N ASP F 152 50.48 -8.70 -21.50
CA ASP F 152 51.57 -9.02 -22.42
C ASP F 152 52.77 -9.42 -21.58
N THR F 153 52.95 -10.73 -21.40
CA THR F 153 53.96 -11.25 -20.50
C THR F 153 55.37 -11.11 -21.05
N ASP F 154 55.53 -10.66 -22.28
CA ASP F 154 56.85 -10.29 -22.76
C ASP F 154 57.26 -8.89 -22.32
N LYS F 155 56.30 -8.04 -21.96
CA LYS F 155 56.56 -6.65 -21.58
C LYS F 155 56.12 -6.31 -20.17
N MET F 156 55.48 -7.22 -19.45
CA MET F 156 54.96 -6.98 -18.11
C MET F 156 55.62 -7.91 -17.11
N THR F 157 55.91 -7.40 -15.92
CA THR F 157 56.44 -8.27 -14.87
C THR F 157 55.30 -9.09 -14.27
N VAL F 158 55.68 -10.19 -13.63
CA VAL F 158 54.70 -11.01 -12.91
C VAL F 158 53.96 -10.16 -11.89
N GLU F 159 54.69 -9.35 -11.12
CA GLU F 159 54.04 -8.45 -10.17
C GLU F 159 53.05 -7.52 -10.88
N GLU F 160 53.45 -6.96 -12.01
CA GLU F 160 52.53 -6.09 -12.77
C GLU F 160 51.30 -6.88 -13.25
N GLU F 161 51.52 -8.09 -13.77
CA GLU F 161 50.39 -8.92 -14.19
C GLU F 161 49.42 -9.16 -13.03
N VAL F 162 49.96 -9.51 -11.86
CA VAL F 162 49.11 -9.75 -10.69
C VAL F 162 48.24 -8.54 -10.40
N GLU F 163 48.81 -7.34 -10.49
CA GLU F 163 48.06 -6.17 -10.06
C GLU F 163 47.07 -5.73 -11.13
N ALA F 164 47.38 -5.98 -12.41
CA ALA F 164 46.38 -5.81 -13.46
C ALA F 164 45.16 -6.69 -13.20
N VAL F 165 45.39 -7.95 -12.81
CA VAL F 165 44.28 -8.84 -12.49
C VAL F 165 43.55 -8.35 -11.25
N LEU F 166 44.29 -7.97 -10.21
CA LEU F 166 43.65 -7.49 -8.98
C LEU F 166 42.83 -6.23 -9.23
N LYS F 167 43.35 -5.32 -10.06
CA LYS F 167 42.60 -4.12 -10.44
C LYS F 167 41.24 -4.48 -11.03
N LYS F 168 41.24 -5.33 -12.07
CA LYS F 168 39.98 -5.73 -12.69
C LYS F 168 39.06 -6.44 -11.72
N LEU F 169 39.61 -7.21 -10.78
CA LEU F 169 38.78 -7.90 -9.80
C LEU F 169 38.03 -6.92 -8.91
N MET F 170 38.68 -5.81 -8.53
CA MET F 170 38.01 -4.81 -7.71
C MET F 170 36.94 -4.08 -8.50
N GLU F 171 37.22 -3.80 -9.78
CA GLU F 171 36.24 -3.09 -10.61
C GLU F 171 34.95 -3.90 -10.77
N LEU F 172 35.07 -5.22 -10.91
CA LEU F 172 33.88 -6.06 -10.99
C LEU F 172 33.19 -6.23 -9.64
N GLY F 173 33.84 -5.89 -8.54
CA GLY F 173 33.26 -6.07 -7.23
C GLY F 173 33.51 -7.43 -6.61
N TYR F 174 34.52 -8.16 -7.07
CA TYR F 174 34.82 -9.47 -6.53
C TYR F 174 35.77 -9.41 -5.35
N LEU F 175 36.59 -8.37 -5.28
CA LEU F 175 37.53 -8.24 -4.17
C LEU F 175 37.11 -7.05 -3.30
#